data_3F0R
#
_entry.id   3F0R
#
_cell.length_a   87.895
_cell.length_b   90.705
_cell.length_c   92.141
_cell.angle_alpha   90.00
_cell.angle_beta   94.63
_cell.angle_gamma   90.00
#
_symmetry.space_group_name_H-M   'P 1 21 1'
#
loop_
_entity.id
_entity.type
_entity.pdbx_description
1 polymer 'Histone deacetylase 8'
2 non-polymer 'ZINC ION'
3 non-polymer 'POTASSIUM ION'
4 non-polymer 'TRICHOSTATIN A'
5 water water
#
_entity_poly.entity_id   1
_entity_poly.type   'polypeptide(L)'
_entity_poly.pdbx_seq_one_letter_code
;MEEPEEPADSGQSLVPVYIYSPEYVSMCDSLAKIPKRASMVHSLIEAYALHKQMRIVKPKVASMEEMATFHTDAYLQHLQ
KVSQEGDDDHPDSIEYGLGYDCPATEGIFDYAAAIGGATITAAQCLIDGMCKVAINWSGGWHHAKKDEASGFCYLNDAVL
GILRLRRKFERILYVDLDLHHGDGVEDAFSFTSKVMTVSLHKFSPGFFPGTGDVSDVGLGKGRYYSVNVPIQDGIQDEKY
YQICESVLKEVYQAFNPKAVVLQLGADTIAGDPMCSFNMTPVGIGKCLKYILQWQLATLILGGGGYNLANTARCWTYLTG
VILGKTLSSEIPDHEFFTAYGPDYVLEITPSCRPDRNEPHRIQQILNYIKGNLKHVVIEGRSHHHHHH
;
_entity_poly.pdbx_strand_id   A,B,C
#
loop_
_chem_comp.id
_chem_comp.type
_chem_comp.name
_chem_comp.formula
K non-polymer 'POTASSIUM ION' 'K 1'
TSN non-polymer 'TRICHOSTATIN A' 'C17 H22 N2 O3'
ZN non-polymer 'ZINC ION' 'Zn 2'
#
# COMPACT_ATOMS: atom_id res chain seq x y z
N SER A 13 28.43 4.95 -20.20
CA SER A 13 26.98 5.19 -19.97
C SER A 13 26.18 5.27 -21.26
N LEU A 14 24.86 5.38 -21.14
CA LEU A 14 23.98 5.49 -22.29
C LEU A 14 24.10 4.20 -23.10
N VAL A 15 25.06 3.37 -22.72
CA VAL A 15 25.31 2.07 -23.35
C VAL A 15 24.88 0.99 -22.36
N PRO A 16 23.98 0.10 -22.79
CA PRO A 16 23.37 -1.03 -22.06
C PRO A 16 24.31 -1.97 -21.33
N VAL A 17 23.96 -2.31 -20.09
CA VAL A 17 24.75 -3.26 -19.33
C VAL A 17 24.24 -4.64 -19.66
N TYR A 18 25.16 -5.57 -19.89
CA TYR A 18 24.81 -6.95 -20.22
C TYR A 18 25.40 -7.85 -19.16
N ILE A 19 24.57 -8.31 -18.23
CA ILE A 19 25.02 -9.16 -17.16
C ILE A 19 25.36 -10.57 -17.69
N TYR A 20 26.65 -10.84 -17.85
CA TYR A 20 27.09 -12.13 -18.36
C TYR A 20 28.43 -12.53 -17.74
N SER A 21 28.84 -13.77 -17.96
CA SER A 21 30.10 -14.29 -17.44
C SER A 21 30.11 -15.79 -17.73
N PRO A 22 31.12 -16.27 -18.47
CA PRO A 22 31.19 -17.70 -18.79
C PRO A 22 30.85 -18.61 -17.61
N GLU A 23 31.23 -18.23 -16.41
CA GLU A 23 30.95 -19.02 -15.21
C GLU A 23 29.46 -18.91 -14.87
N TYR A 24 28.90 -17.72 -15.08
CA TYR A 24 27.50 -17.48 -14.78
C TYR A 24 26.58 -18.25 -15.72
N VAL A 25 26.98 -18.37 -16.98
CA VAL A 25 26.19 -19.09 -17.94
C VAL A 25 26.32 -20.59 -17.68
N SER A 26 27.51 -21.04 -17.31
CA SER A 26 27.70 -22.45 -17.03
C SER A 26 26.78 -22.86 -15.87
N MET A 27 26.66 -21.99 -14.88
CA MET A 27 25.85 -22.26 -13.71
C MET A 27 24.33 -22.26 -14.04
N CYS A 28 23.91 -21.35 -14.91
CA CYS A 28 22.50 -21.26 -15.26
C CYS A 28 21.96 -22.52 -15.93
N ASP A 29 22.76 -23.13 -16.79
CA ASP A 29 22.32 -24.38 -17.41
C ASP A 29 23.18 -25.51 -16.84
N SER A 30 23.24 -25.54 -15.51
CA SER A 30 24.01 -26.55 -14.77
C SER A 30 23.13 -27.48 -13.94
N LEU A 31 21.88 -27.64 -14.32
CA LEU A 31 21.00 -28.53 -13.54
C LEU A 31 20.46 -29.69 -14.37
N ILE A 34 15.32 -28.36 -17.80
CA ILE A 34 16.45 -27.49 -17.49
C ILE A 34 17.57 -27.66 -18.54
N PRO A 35 17.19 -27.75 -19.83
CA PRO A 35 18.21 -27.91 -20.87
C PRO A 35 19.08 -26.66 -21.00
N LYS A 36 20.33 -26.85 -21.40
CA LYS A 36 21.25 -25.74 -21.57
C LYS A 36 20.61 -24.72 -22.50
N ARG A 37 20.13 -23.61 -21.92
CA ARG A 37 19.48 -22.57 -22.70
C ARG A 37 20.27 -21.27 -22.61
N ALA A 38 20.84 -21.00 -21.44
CA ALA A 38 21.62 -19.79 -21.22
C ALA A 38 22.74 -19.68 -22.23
N SER A 39 23.40 -20.80 -22.51
CA SER A 39 24.49 -20.82 -23.45
C SER A 39 24.04 -20.49 -24.87
N MET A 40 22.90 -21.03 -25.28
CA MET A 40 22.39 -20.77 -26.62
C MET A 40 22.04 -19.30 -26.80
N VAL A 41 21.46 -18.70 -25.76
CA VAL A 41 21.07 -17.30 -25.80
C VAL A 41 22.31 -16.41 -25.95
N HIS A 42 23.25 -16.54 -25.01
CA HIS A 42 24.48 -15.75 -25.08
C HIS A 42 25.21 -16.02 -26.41
N SER A 43 25.31 -17.29 -26.76
CA SER A 43 25.99 -17.69 -27.99
C SER A 43 25.42 -17.01 -29.25
N LEU A 44 24.10 -16.87 -29.32
CA LEU A 44 23.50 -16.23 -30.48
C LEU A 44 23.68 -14.70 -30.43
N ILE A 45 23.76 -14.15 -29.22
CA ILE A 45 23.95 -12.70 -29.08
C ILE A 45 25.37 -12.39 -29.48
N GLU A 46 26.29 -13.23 -29.03
CA GLU A 46 27.70 -13.09 -29.35
C GLU A 46 27.90 -13.26 -30.86
N ALA A 47 27.18 -14.21 -31.46
CA ALA A 47 27.30 -14.46 -32.89
C ALA A 47 26.88 -13.23 -33.70
N TYR A 48 25.97 -12.43 -33.15
CA TYR A 48 25.56 -11.22 -33.85
C TYR A 48 26.42 -10.01 -33.47
N ALA A 49 27.44 -10.26 -32.65
CA ALA A 49 28.37 -9.21 -32.21
C ALA A 49 27.71 -8.13 -31.36
N LEU A 50 26.56 -8.45 -30.78
CA LEU A 50 25.83 -7.51 -29.95
C LEU A 50 26.54 -7.23 -28.63
N HIS A 51 27.29 -8.20 -28.14
CA HIS A 51 28.03 -8.05 -26.89
C HIS A 51 29.08 -6.92 -27.00
N LYS A 52 29.55 -6.66 -28.21
CA LYS A 52 30.55 -5.62 -28.42
C LYS A 52 29.96 -4.22 -28.30
N GLN A 53 28.64 -4.12 -28.43
CA GLN A 53 27.96 -2.83 -28.32
C GLN A 53 27.44 -2.58 -26.91
N MET A 54 27.62 -3.55 -26.02
CA MET A 54 27.14 -3.41 -24.65
C MET A 54 28.27 -3.43 -23.64
N ARG A 55 27.96 -3.10 -22.39
CA ARG A 55 28.97 -3.15 -21.37
C ARG A 55 28.76 -4.46 -20.60
N ILE A 56 29.68 -5.39 -20.79
CA ILE A 56 29.59 -6.68 -20.14
C ILE A 56 30.00 -6.58 -18.67
N VAL A 57 29.10 -6.97 -17.77
CA VAL A 57 29.38 -6.90 -16.35
C VAL A 57 29.23 -8.25 -15.68
N LYS A 58 30.28 -8.67 -15.00
CA LYS A 58 30.26 -9.94 -14.31
C LYS A 58 29.26 -9.86 -13.15
N PRO A 59 28.37 -10.86 -13.07
CA PRO A 59 27.38 -10.86 -12.00
C PRO A 59 27.97 -11.36 -10.70
N LYS A 60 27.54 -10.75 -9.60
CA LYS A 60 27.97 -11.16 -8.28
C LYS A 60 27.00 -12.28 -7.87
N VAL A 61 27.34 -13.00 -6.81
CA VAL A 61 26.47 -14.06 -6.33
C VAL A 61 25.79 -13.52 -5.08
N ALA A 62 24.47 -13.64 -5.03
CA ALA A 62 23.72 -13.13 -3.90
C ALA A 62 24.11 -13.80 -2.58
N SER A 63 24.23 -12.97 -1.55
CA SER A 63 24.57 -13.48 -0.22
C SER A 63 23.26 -13.75 0.53
N MET A 64 23.34 -14.54 1.58
CA MET A 64 22.17 -14.87 2.38
C MET A 64 21.40 -13.62 2.79
N GLU A 65 22.09 -12.61 3.29
CA GLU A 65 21.40 -11.37 3.69
C GLU A 65 20.54 -10.88 2.55
N GLU A 66 21.17 -10.73 1.38
CA GLU A 66 20.49 -10.25 0.20
C GLU A 66 19.25 -11.08 -0.16
N MET A 67 19.39 -12.41 -0.13
CA MET A 67 18.26 -13.28 -0.44
C MET A 67 17.21 -13.26 0.67
N ALA A 68 17.64 -12.96 1.89
CA ALA A 68 16.73 -12.90 3.04
C ALA A 68 15.88 -11.64 2.99
N THR A 69 16.24 -10.71 2.11
CA THR A 69 15.45 -9.48 1.95
C THR A 69 14.00 -9.83 1.61
N PHE A 70 13.79 -11.01 1.02
CA PHE A 70 12.47 -11.44 0.65
C PHE A 70 12.11 -12.85 1.15
N HIS A 71 13.01 -13.79 0.94
CA HIS A 71 12.79 -15.17 1.34
C HIS A 71 13.13 -15.37 2.81
N THR A 72 12.37 -16.25 3.47
CA THR A 72 12.61 -16.55 4.88
C THR A 72 13.86 -17.42 4.99
N ASP A 73 14.58 -17.32 6.09
CA ASP A 73 15.78 -18.14 6.28
C ASP A 73 15.46 -19.62 6.35
N ALA A 74 14.31 -19.94 6.94
CA ALA A 74 13.87 -21.32 7.06
C ALA A 74 13.81 -21.97 5.70
N TYR A 75 13.34 -21.21 4.72
CA TYR A 75 13.23 -21.72 3.36
C TYR A 75 14.60 -21.71 2.66
N LEU A 76 15.37 -20.64 2.85
CA LEU A 76 16.69 -20.52 2.23
C LEU A 76 17.60 -21.65 2.72
N GLN A 77 17.53 -21.92 4.02
CA GLN A 77 18.32 -22.98 4.61
C GLN A 77 17.94 -24.32 4.03
N HIS A 78 16.66 -24.49 3.72
CA HIS A 78 16.20 -25.73 3.16
C HIS A 78 16.81 -25.89 1.78
N LEU A 79 16.87 -24.81 1.01
CA LEU A 79 17.44 -24.88 -0.33
C LEU A 79 18.89 -25.32 -0.25
N GLN A 80 19.59 -24.88 0.78
CA GLN A 80 20.99 -25.27 0.96
C GLN A 80 21.02 -26.77 1.15
N LYS A 81 20.35 -27.22 2.21
CA LYS A 81 20.29 -28.65 2.56
C LYS A 81 20.09 -29.51 1.34
N VAL A 82 18.99 -29.28 0.64
CA VAL A 82 18.64 -30.04 -0.55
C VAL A 82 19.69 -29.90 -1.63
N SER A 83 20.19 -28.70 -1.84
CA SER A 83 21.19 -28.45 -2.86
C SER A 83 22.42 -29.32 -2.61
N GLN A 84 22.83 -29.36 -1.34
CA GLN A 84 23.98 -30.13 -0.93
C GLN A 84 23.85 -31.64 -1.07
N GLU A 85 22.66 -32.17 -0.78
CA GLU A 85 22.43 -33.61 -0.88
C GLU A 85 21.64 -33.93 -2.15
N GLY A 86 20.31 -34.01 -2.01
CA GLY A 86 19.48 -34.30 -3.16
C GLY A 86 17.99 -34.29 -2.85
N ASP A 87 17.19 -34.64 -3.85
CA ASP A 87 15.74 -34.69 -3.70
C ASP A 87 15.36 -35.88 -2.83
N ASP A 88 16.36 -36.41 -2.12
CA ASP A 88 16.21 -37.53 -1.21
C ASP A 88 14.95 -37.36 -0.39
N ASP A 89 14.49 -38.45 0.22
CA ASP A 89 13.29 -38.41 1.04
C ASP A 89 13.44 -37.33 2.11
N HIS A 90 13.28 -36.07 1.73
CA HIS A 90 13.39 -35.00 2.70
C HIS A 90 11.98 -34.58 3.11
N PRO A 91 11.70 -34.63 4.42
CA PRO A 91 10.41 -34.30 5.02
C PRO A 91 9.84 -32.92 4.68
N ASP A 92 10.71 -31.92 4.60
CA ASP A 92 10.27 -30.55 4.33
C ASP A 92 10.22 -30.10 2.88
N SER A 93 10.53 -30.99 1.92
CA SER A 93 10.52 -30.59 0.52
C SER A 93 9.15 -30.17 0.00
N ILE A 94 8.11 -30.95 0.31
CA ILE A 94 6.76 -30.63 -0.12
C ILE A 94 6.35 -29.29 0.48
N GLU A 95 6.68 -29.10 1.75
CA GLU A 95 6.35 -27.88 2.47
C GLU A 95 7.01 -26.65 1.83
N TYR A 96 8.01 -26.87 0.98
CA TYR A 96 8.72 -25.76 0.34
C TYR A 96 8.63 -25.68 -1.18
N GLY A 97 7.65 -26.36 -1.76
CA GLY A 97 7.45 -26.29 -3.19
C GLY A 97 8.26 -27.19 -4.09
N LEU A 98 9.27 -27.86 -3.56
CA LEU A 98 10.06 -28.73 -4.42
C LEU A 98 9.26 -29.96 -4.85
N GLY A 99 9.27 -30.22 -6.15
CA GLY A 99 8.54 -31.36 -6.69
C GLY A 99 8.80 -31.52 -8.18
N TYR A 100 7.83 -32.07 -8.91
CA TYR A 100 7.98 -32.25 -10.34
C TYR A 100 8.13 -30.88 -11.00
N ASP A 101 7.24 -29.96 -10.63
CA ASP A 101 7.24 -28.59 -11.18
C ASP A 101 8.46 -27.79 -10.78
N CYS A 102 9.09 -28.15 -9.66
CA CYS A 102 10.26 -27.43 -9.20
C CYS A 102 11.25 -28.41 -8.58
N PRO A 103 11.86 -29.24 -9.43
CA PRO A 103 12.84 -30.28 -9.08
C PRO A 103 13.83 -29.95 -7.98
N ALA A 104 14.00 -30.90 -7.06
CA ALA A 104 14.96 -30.75 -5.97
C ALA A 104 16.21 -31.39 -6.58
N THR A 105 17.37 -30.76 -6.44
CA THR A 105 18.57 -31.33 -7.02
C THR A 105 19.83 -30.75 -6.39
N GLU A 106 20.98 -31.20 -6.87
CA GLU A 106 22.25 -30.71 -6.38
C GLU A 106 22.58 -29.46 -7.18
N GLY A 107 23.00 -28.40 -6.48
CA GLY A 107 23.36 -27.16 -7.15
C GLY A 107 22.24 -26.14 -7.08
N ILE A 108 21.05 -26.60 -6.72
CA ILE A 108 19.89 -25.73 -6.63
C ILE A 108 20.14 -24.40 -5.91
N PHE A 109 20.76 -24.45 -4.73
CA PHE A 109 21.02 -23.23 -3.99
C PHE A 109 22.02 -22.33 -4.70
N ASP A 110 23.07 -22.92 -5.24
CA ASP A 110 24.07 -22.12 -5.95
C ASP A 110 23.46 -21.43 -7.16
N TYR A 111 22.64 -22.17 -7.89
CA TYR A 111 21.96 -21.69 -9.08
C TYR A 111 21.09 -20.48 -8.76
N ALA A 112 20.26 -20.61 -7.71
CA ALA A 112 19.38 -19.53 -7.29
C ALA A 112 20.21 -18.30 -6.94
N ALA A 113 21.25 -18.52 -6.13
CA ALA A 113 22.12 -17.45 -5.70
C ALA A 113 22.77 -16.71 -6.86
N ALA A 114 23.14 -17.42 -7.92
CA ALA A 114 23.78 -16.76 -9.04
C ALA A 114 22.76 -15.91 -9.78
N ILE A 115 21.56 -16.44 -9.94
CA ILE A 115 20.48 -15.74 -10.61
C ILE A 115 20.10 -14.50 -9.80
N GLY A 116 19.94 -14.69 -8.50
CA GLY A 116 19.57 -13.58 -7.62
C GLY A 116 20.61 -12.49 -7.65
N GLY A 117 21.88 -12.90 -7.68
CA GLY A 117 22.97 -11.95 -7.71
C GLY A 117 22.98 -11.20 -9.03
N ALA A 118 22.81 -11.92 -10.13
CA ALA A 118 22.82 -11.30 -11.44
C ALA A 118 21.79 -10.17 -11.52
N THR A 119 20.59 -10.43 -11.04
CA THR A 119 19.52 -9.45 -11.05
C THR A 119 19.84 -8.33 -10.08
N ILE A 120 20.34 -8.66 -8.90
CA ILE A 120 20.68 -7.63 -7.94
C ILE A 120 21.82 -6.78 -8.55
N THR A 121 22.75 -7.41 -9.25
CA THR A 121 23.87 -6.69 -9.85
C THR A 121 23.34 -5.71 -10.90
N ALA A 122 22.40 -6.16 -11.72
CA ALA A 122 21.83 -5.30 -12.76
C ALA A 122 21.15 -4.09 -12.13
N ALA A 123 20.46 -4.31 -11.02
CA ALA A 123 19.80 -3.21 -10.33
C ALA A 123 20.86 -2.21 -9.83
N GLN A 124 21.96 -2.73 -9.31
CA GLN A 124 23.04 -1.88 -8.81
C GLN A 124 23.55 -0.99 -9.91
N CYS A 125 23.75 -1.57 -11.09
CA CYS A 125 24.22 -0.79 -12.22
C CYS A 125 23.22 0.34 -12.51
N LEU A 126 21.94 0.04 -12.46
CA LEU A 126 20.94 1.07 -12.71
C LEU A 126 20.95 2.17 -11.67
N ILE A 127 21.12 1.79 -10.40
CA ILE A 127 21.17 2.73 -9.29
C ILE A 127 22.43 3.60 -9.41
N ASP A 128 23.55 2.99 -9.78
CA ASP A 128 24.79 3.72 -9.91
C ASP A 128 24.91 4.58 -11.16
N GLY A 129 23.85 4.63 -11.96
CA GLY A 129 23.88 5.42 -13.17
C GLY A 129 24.87 4.92 -14.21
N MET A 130 25.32 3.69 -14.07
CA MET A 130 26.24 3.10 -15.04
C MET A 130 25.55 2.90 -16.41
N CYS A 131 24.23 3.01 -16.44
CA CYS A 131 23.47 2.81 -17.67
C CYS A 131 22.00 3.10 -17.43
N LYS A 132 21.18 2.97 -18.47
CA LYS A 132 19.73 3.18 -18.34
C LYS A 132 19.01 1.85 -18.53
N VAL A 133 19.74 0.88 -19.07
CA VAL A 133 19.19 -0.45 -19.30
C VAL A 133 20.23 -1.49 -18.86
N ALA A 134 19.79 -2.45 -18.06
CA ALA A 134 20.68 -3.50 -17.58
C ALA A 134 19.95 -4.80 -17.86
N ILE A 135 20.65 -5.74 -18.50
CA ILE A 135 20.04 -7.00 -18.91
C ILE A 135 20.51 -8.28 -18.20
N ASN A 136 19.54 -9.14 -17.88
CA ASN A 136 19.84 -10.43 -17.28
C ASN A 136 18.86 -11.47 -17.84
N TRP A 137 19.13 -11.92 -19.07
CA TRP A 137 18.28 -12.91 -19.74
C TRP A 137 18.04 -14.22 -18.96
N SER A 138 18.93 -14.56 -18.05
CA SER A 138 18.77 -15.78 -17.26
C SER A 138 17.88 -15.57 -16.04
N GLY A 139 17.45 -14.34 -15.81
CA GLY A 139 16.60 -14.08 -14.66
C GLY A 139 15.12 -14.04 -15.02
N GLY A 140 14.32 -13.44 -14.13
CA GLY A 140 12.88 -13.32 -14.36
C GLY A 140 12.03 -14.48 -13.85
N TRP A 141 12.50 -15.15 -12.80
CA TRP A 141 11.74 -16.29 -12.26
C TRP A 141 10.73 -15.78 -11.24
N HIS A 142 9.66 -15.22 -11.78
CA HIS A 142 8.57 -14.59 -11.06
C HIS A 142 7.60 -15.43 -10.22
N HIS A 143 7.74 -16.75 -10.19
CA HIS A 143 6.80 -17.57 -9.42
C HIS A 143 7.15 -17.81 -7.97
N ALA A 144 8.44 -17.80 -7.63
CA ALA A 144 8.87 -18.06 -6.27
C ALA A 144 8.17 -17.20 -5.24
N LYS A 145 7.79 -17.83 -4.12
CA LYS A 145 7.16 -17.15 -3.01
C LYS A 145 8.23 -16.93 -1.94
N LYS A 146 7.89 -16.22 -0.87
CA LYS A 146 8.87 -15.94 0.16
C LYS A 146 9.39 -17.18 0.86
N ASP A 147 8.55 -18.22 0.96
CA ASP A 147 8.97 -19.44 1.65
C ASP A 147 8.50 -20.68 0.91
N GLU A 148 8.47 -20.61 -0.41
CA GLU A 148 8.01 -21.73 -1.19
C GLU A 148 8.48 -21.63 -2.63
N ALA A 149 8.92 -22.75 -3.19
CA ALA A 149 9.31 -22.81 -4.59
C ALA A 149 8.10 -23.05 -5.48
N SER A 150 8.21 -22.65 -6.75
CA SER A 150 7.09 -22.71 -7.67
C SER A 150 7.56 -22.59 -9.13
N GLY A 151 6.97 -23.39 -10.00
CA GLY A 151 7.11 -23.20 -11.43
C GLY A 151 8.54 -22.90 -11.84
N PHE A 152 9.46 -23.73 -11.37
CA PHE A 152 10.84 -23.69 -11.85
C PHE A 152 11.60 -22.51 -11.26
N CYS A 153 10.93 -21.77 -10.37
CA CYS A 153 11.56 -20.63 -9.71
C CYS A 153 11.87 -21.06 -8.29
N TYR A 154 13.14 -20.97 -7.91
CA TYR A 154 13.58 -21.37 -6.58
C TYR A 154 13.81 -20.11 -5.76
N LEU A 155 14.12 -19.05 -6.47
CA LEU A 155 14.42 -17.75 -5.87
C LEU A 155 13.75 -16.72 -6.77
N ASN A 156 13.02 -15.76 -6.21
CA ASN A 156 12.37 -14.75 -7.04
C ASN A 156 13.33 -13.58 -7.26
N ASP A 157 14.21 -13.72 -8.26
CA ASP A 157 15.20 -12.70 -8.58
C ASP A 157 14.57 -11.35 -8.89
N ALA A 158 13.42 -11.35 -9.56
CA ALA A 158 12.74 -10.09 -9.90
C ALA A 158 12.42 -9.30 -8.63
N VAL A 159 11.87 -9.97 -7.61
CA VAL A 159 11.55 -9.27 -6.37
C VAL A 159 12.80 -8.69 -5.74
N LEU A 160 13.87 -9.47 -5.70
CA LEU A 160 15.12 -9.00 -5.14
C LEU A 160 15.62 -7.75 -5.90
N GLY A 161 15.47 -7.76 -7.22
CA GLY A 161 15.89 -6.61 -8.00
C GLY A 161 15.04 -5.39 -7.66
N ILE A 162 13.73 -5.58 -7.55
CA ILE A 162 12.82 -4.48 -7.23
C ILE A 162 13.14 -3.88 -5.87
N LEU A 163 13.45 -4.73 -4.89
CA LEU A 163 13.76 -4.28 -3.54
C LEU A 163 15.04 -3.51 -3.55
N ARG A 164 15.96 -3.94 -4.40
CA ARG A 164 17.24 -3.26 -4.52
C ARG A 164 17.06 -1.90 -5.18
N LEU A 165 16.27 -1.84 -6.25
CA LEU A 165 16.00 -0.58 -6.94
C LEU A 165 15.36 0.45 -6.01
N ARG A 166 14.51 0.00 -5.08
CA ARG A 166 13.84 0.92 -4.17
C ARG A 166 14.77 1.66 -3.23
N ARG A 167 16.02 1.23 -3.16
CA ARG A 167 16.95 1.91 -2.29
C ARG A 167 17.30 3.22 -2.98
N LYS A 168 16.71 3.44 -4.14
CA LYS A 168 16.99 4.63 -4.94
C LYS A 168 15.79 5.21 -5.68
N PHE A 169 14.91 4.36 -6.19
CA PHE A 169 13.74 4.81 -6.95
C PHE A 169 12.46 4.66 -6.12
N GLU A 170 11.74 5.76 -5.95
CA GLU A 170 10.51 5.82 -5.18
C GLU A 170 9.41 4.89 -5.66
N ARG A 171 9.16 4.91 -6.97
CA ARG A 171 8.12 4.09 -7.55
C ARG A 171 8.64 3.14 -8.61
N ILE A 172 8.36 1.85 -8.46
CA ILE A 172 8.81 0.88 -9.43
C ILE A 172 7.63 0.22 -10.13
N LEU A 173 7.73 0.16 -11.46
CA LEU A 173 6.71 -0.47 -12.29
C LEU A 173 7.26 -1.81 -12.77
N TYR A 174 6.58 -2.89 -12.42
CA TYR A 174 6.98 -4.21 -12.86
C TYR A 174 6.05 -4.62 -13.99
N VAL A 175 6.61 -5.00 -15.14
CA VAL A 175 5.78 -5.44 -16.26
C VAL A 175 6.18 -6.87 -16.63
N ASP A 176 5.23 -7.79 -16.52
CA ASP A 176 5.48 -9.21 -16.79
C ASP A 176 4.82 -9.68 -18.08
N LEU A 177 5.62 -9.95 -19.12
CA LEU A 177 5.05 -10.42 -20.38
C LEU A 177 5.19 -11.91 -20.60
N ASP A 178 5.47 -12.65 -19.53
CA ASP A 178 5.59 -14.10 -19.62
C ASP A 178 4.19 -14.61 -19.89
N LEU A 179 4.07 -15.80 -20.47
CA LEU A 179 2.76 -16.36 -20.76
C LEU A 179 2.00 -16.53 -19.44
N HIS A 180 2.73 -16.87 -18.39
CA HIS A 180 2.17 -17.07 -17.08
C HIS A 180 2.02 -15.80 -16.24
N HIS A 181 1.07 -15.84 -15.32
CA HIS A 181 0.82 -14.72 -14.44
C HIS A 181 2.02 -14.57 -13.50
N GLY A 182 2.51 -13.34 -13.34
CA GLY A 182 3.64 -13.11 -12.45
C GLY A 182 3.16 -13.02 -11.00
N ASP A 183 2.61 -14.11 -10.49
CA ASP A 183 2.06 -14.18 -9.13
C ASP A 183 3.05 -14.00 -7.98
N GLY A 184 4.26 -14.52 -8.14
CA GLY A 184 5.25 -14.39 -7.08
C GLY A 184 5.57 -12.93 -6.83
N VAL A 185 5.74 -12.18 -7.92
CA VAL A 185 6.06 -10.77 -7.83
C VAL A 185 4.84 -10.01 -7.35
N GLU A 186 3.69 -10.28 -7.95
CA GLU A 186 2.48 -9.58 -7.56
C GLU A 186 2.19 -9.70 -6.06
N ASP A 187 2.19 -10.94 -5.57
CA ASP A 187 1.94 -11.21 -4.16
C ASP A 187 2.88 -10.44 -3.24
N ALA A 188 4.13 -10.28 -3.67
CA ALA A 188 5.12 -9.58 -2.88
C ALA A 188 4.75 -8.12 -2.69
N PHE A 189 4.17 -7.49 -3.71
CA PHE A 189 3.83 -6.07 -3.56
C PHE A 189 2.32 -5.80 -3.56
N SER A 190 1.55 -6.85 -3.26
CA SER A 190 0.10 -6.76 -3.24
C SER A 190 -0.45 -5.67 -2.36
N PHE A 191 0.19 -5.44 -1.21
CA PHE A 191 -0.28 -4.43 -0.26
C PHE A 191 0.43 -3.10 -0.29
N THR A 192 1.21 -2.83 -1.32
CA THR A 192 1.90 -1.57 -1.35
C THR A 192 1.57 -0.87 -2.64
N SER A 193 1.84 0.43 -2.69
CA SER A 193 1.58 1.22 -3.87
C SER A 193 2.90 1.84 -4.33
N LYS A 194 3.97 1.42 -3.66
CA LYS A 194 5.33 1.88 -3.96
C LYS A 194 5.81 1.15 -5.18
N VAL A 195 5.23 -0.03 -5.41
CA VAL A 195 5.57 -0.87 -6.56
C VAL A 195 4.27 -1.33 -7.22
N MET A 196 4.20 -1.15 -8.53
CA MET A 196 3.03 -1.57 -9.29
C MET A 196 3.38 -2.74 -10.21
N THR A 197 2.56 -3.78 -10.17
CA THR A 197 2.81 -4.92 -11.04
C THR A 197 1.73 -5.02 -12.12
N VAL A 198 2.15 -5.17 -13.36
CA VAL A 198 1.21 -5.31 -14.47
C VAL A 198 1.61 -6.55 -15.22
N SER A 199 0.68 -7.48 -15.41
CA SER A 199 0.99 -8.71 -16.10
C SER A 199 -0.01 -9.14 -17.16
N LEU A 200 0.47 -9.38 -18.38
CA LEU A 200 -0.39 -9.87 -19.46
C LEU A 200 -0.08 -11.37 -19.47
N HIS A 201 -1.09 -12.20 -19.32
CA HIS A 201 -0.85 -13.63 -19.29
C HIS A 201 -2.07 -14.44 -19.73
N LYS A 202 -1.91 -15.74 -19.80
CA LYS A 202 -3.01 -16.60 -20.16
C LYS A 202 -3.76 -16.98 -18.89
N PHE A 203 -5.06 -16.73 -18.89
CA PHE A 203 -5.89 -17.09 -17.76
C PHE A 203 -7.00 -17.97 -18.30
N SER A 204 -6.99 -19.23 -17.89
CA SER A 204 -7.99 -20.21 -18.30
C SER A 204 -8.04 -21.30 -17.24
N PRO A 205 -9.16 -22.03 -17.16
CA PRO A 205 -9.32 -23.10 -16.17
C PRO A 205 -8.19 -24.13 -16.18
N GLY A 206 -7.55 -24.30 -15.03
CA GLY A 206 -6.48 -25.27 -14.93
C GLY A 206 -5.15 -24.83 -15.50
N PHE A 207 -5.05 -23.59 -15.96
CA PHE A 207 -3.78 -23.12 -16.50
C PHE A 207 -2.94 -22.46 -15.41
N PHE A 208 -1.74 -22.99 -15.21
CA PHE A 208 -0.80 -22.50 -14.20
C PHE A 208 -0.57 -20.99 -14.29
N PRO A 209 -0.51 -20.30 -13.15
CA PRO A 209 -0.62 -20.81 -11.78
C PRO A 209 -2.09 -20.84 -11.29
N GLY A 210 -2.98 -20.19 -12.04
CA GLY A 210 -4.39 -20.20 -11.69
C GLY A 210 -4.88 -18.88 -11.14
N THR A 211 -3.98 -17.90 -11.07
CA THR A 211 -4.31 -16.59 -10.53
C THR A 211 -4.25 -15.54 -11.62
N GLY A 212 -4.38 -14.28 -11.23
CA GLY A 212 -4.30 -13.23 -12.21
C GLY A 212 -5.56 -12.83 -12.97
N ASP A 213 -6.74 -13.20 -12.50
CA ASP A 213 -7.94 -12.81 -13.22
C ASP A 213 -7.95 -11.29 -13.22
N VAL A 214 -8.71 -10.67 -14.11
CA VAL A 214 -8.70 -9.21 -14.19
C VAL A 214 -9.21 -8.47 -12.94
N SER A 215 -10.02 -9.13 -12.13
CA SER A 215 -10.54 -8.50 -10.91
C SER A 215 -9.53 -8.56 -9.76
N ASP A 216 -8.34 -9.07 -10.07
CA ASP A 216 -7.24 -9.18 -9.11
C ASP A 216 -6.52 -7.82 -9.19
N VAL A 217 -6.79 -6.95 -8.22
CA VAL A 217 -6.22 -5.60 -8.22
C VAL A 217 -5.34 -5.19 -7.05
N GLY A 218 -5.12 -6.10 -6.11
CA GLY A 218 -4.31 -5.77 -4.95
C GLY A 218 -5.16 -5.60 -3.72
N LEU A 219 -4.54 -5.27 -2.59
CA LEU A 219 -5.26 -5.11 -1.33
C LEU A 219 -4.69 -3.98 -0.47
N GLY A 220 -5.46 -3.53 0.51
CA GLY A 220 -4.99 -2.47 1.39
C GLY A 220 -4.47 -1.26 0.63
N LYS A 221 -3.30 -0.77 1.00
CA LYS A 221 -2.73 0.40 0.30
C LYS A 221 -2.38 -0.01 -1.12
N GLY A 222 -2.39 -1.31 -1.39
CA GLY A 222 -2.03 -1.78 -2.72
C GLY A 222 -3.16 -1.87 -3.72
N ARG A 223 -4.38 -1.55 -3.29
CA ARG A 223 -5.53 -1.62 -4.18
C ARG A 223 -5.31 -0.79 -5.44
N TYR A 224 -5.51 -1.43 -6.58
CA TYR A 224 -5.34 -0.82 -7.91
C TYR A 224 -3.87 -0.73 -8.29
N TYR A 225 -2.99 -1.31 -7.48
CA TYR A 225 -1.58 -1.27 -7.81
C TYR A 225 -1.10 -2.62 -8.35
N SER A 226 -2.08 -3.49 -8.57
CA SER A 226 -1.86 -4.80 -9.17
C SER A 226 -2.72 -4.70 -10.44
N VAL A 227 -2.12 -4.91 -11.61
CA VAL A 227 -2.87 -4.88 -12.86
C VAL A 227 -2.69 -6.20 -13.61
N ASN A 228 -3.79 -6.86 -13.90
CA ASN A 228 -3.77 -8.13 -14.59
C ASN A 228 -4.63 -8.15 -15.85
N VAL A 229 -4.03 -8.59 -16.95
CA VAL A 229 -4.73 -8.68 -18.24
C VAL A 229 -4.87 -10.13 -18.71
N PRO A 230 -6.00 -10.79 -18.41
CA PRO A 230 -6.17 -12.19 -18.85
C PRO A 230 -6.37 -12.25 -20.35
N ILE A 231 -5.59 -13.09 -21.02
CA ILE A 231 -5.68 -13.24 -22.48
C ILE A 231 -5.87 -14.71 -22.88
N GLN A 232 -6.53 -14.94 -24.01
CA GLN A 232 -6.77 -16.30 -24.47
C GLN A 232 -5.82 -16.75 -25.58
N ASP A 233 -5.81 -18.05 -25.82
CA ASP A 233 -4.99 -18.65 -26.87
C ASP A 233 -4.98 -17.98 -28.24
N GLY A 234 -3.85 -18.08 -28.93
CA GLY A 234 -3.74 -17.56 -30.27
C GLY A 234 -3.62 -16.09 -30.54
N ILE A 235 -3.38 -15.28 -29.52
CA ILE A 235 -3.24 -13.85 -29.77
C ILE A 235 -1.95 -13.67 -30.60
N GLN A 236 -1.97 -12.69 -31.50
CA GLN A 236 -0.84 -12.42 -32.34
C GLN A 236 -0.35 -11.01 -32.13
N ASP A 237 0.85 -10.73 -32.63
CA ASP A 237 1.47 -9.42 -32.47
C ASP A 237 0.56 -8.21 -32.45
N GLU A 238 -0.17 -7.97 -33.54
CA GLU A 238 -1.04 -6.81 -33.61
C GLU A 238 -1.91 -6.62 -32.37
N LYS A 239 -2.74 -7.61 -32.08
CA LYS A 239 -3.67 -7.55 -30.94
C LYS A 239 -2.92 -7.26 -29.65
N TYR A 240 -1.92 -8.09 -29.38
CA TYR A 240 -1.10 -7.98 -28.19
C TYR A 240 -0.56 -6.57 -27.98
N TYR A 241 0.02 -6.00 -29.03
CA TYR A 241 0.56 -4.67 -28.90
C TYR A 241 -0.53 -3.64 -28.61
N GLN A 242 -1.68 -3.79 -29.27
CA GLN A 242 -2.78 -2.86 -29.05
C GLN A 242 -3.09 -2.90 -27.56
N ILE A 243 -3.33 -4.10 -27.05
CA ILE A 243 -3.63 -4.32 -25.64
C ILE A 243 -2.56 -3.77 -24.72
N CYS A 244 -1.36 -4.29 -24.88
CA CYS A 244 -0.23 -3.89 -24.05
C CYS A 244 0.05 -2.40 -24.06
N GLU A 245 -0.02 -1.77 -25.21
CA GLU A 245 0.24 -0.34 -25.30
C GLU A 245 -0.90 0.44 -24.66
N SER A 246 -2.11 -0.10 -24.77
CA SER A 246 -3.28 0.53 -24.18
C SER A 246 -3.10 0.63 -22.66
N VAL A 247 -2.80 -0.50 -22.03
CA VAL A 247 -2.60 -0.55 -20.59
C VAL A 247 -1.38 0.26 -20.14
N LEU A 248 -0.23 0.04 -20.76
CA LEU A 248 0.99 0.74 -20.37
C LEU A 248 0.89 2.26 -20.39
N LYS A 249 0.25 2.77 -21.44
CA LYS A 249 0.06 4.21 -21.59
C LYS A 249 -0.71 4.76 -20.38
N GLU A 250 -1.68 3.99 -19.89
CA GLU A 250 -2.48 4.41 -18.75
C GLU A 250 -1.76 4.23 -17.42
N VAL A 251 -0.91 3.21 -17.34
CA VAL A 251 -0.16 2.97 -16.11
C VAL A 251 0.89 4.06 -15.95
N TYR A 252 1.56 4.41 -17.05
CA TYR A 252 2.58 5.45 -17.04
C TYR A 252 2.02 6.78 -16.58
N GLN A 253 0.78 7.07 -16.97
CA GLN A 253 0.10 8.31 -16.61
C GLN A 253 -0.35 8.29 -15.16
N ALA A 254 -1.01 7.20 -14.78
CA ALA A 254 -1.54 7.06 -13.43
C ALA A 254 -0.50 6.78 -12.33
N PHE A 255 0.53 6.00 -12.65
CA PHE A 255 1.53 5.61 -11.66
C PHE A 255 2.79 6.47 -11.67
N ASN A 256 3.22 6.88 -12.86
CA ASN A 256 4.41 7.69 -13.02
C ASN A 256 5.63 6.98 -12.40
N PRO A 257 6.05 5.85 -12.99
CA PRO A 257 7.21 5.11 -12.49
C PRO A 257 8.52 5.86 -12.66
N LYS A 258 9.47 5.58 -11.78
CA LYS A 258 10.78 6.22 -11.88
C LYS A 258 11.79 5.16 -12.32
N ALA A 259 11.34 3.91 -12.32
CA ALA A 259 12.17 2.79 -12.72
C ALA A 259 11.29 1.63 -13.20
N VAL A 260 11.85 0.80 -14.08
CA VAL A 260 11.07 -0.29 -14.62
C VAL A 260 11.77 -1.64 -14.65
N VAL A 261 11.06 -2.65 -14.16
CA VAL A 261 11.57 -4.01 -14.20
C VAL A 261 10.61 -4.71 -15.17
N LEU A 262 11.21 -5.33 -16.18
CA LEU A 262 10.44 -5.97 -17.23
C LEU A 262 10.91 -7.37 -17.55
N GLN A 263 10.08 -8.37 -17.23
CA GLN A 263 10.45 -9.75 -17.50
C GLN A 263 9.78 -10.12 -18.81
N LEU A 264 10.58 -10.68 -19.72
CA LEU A 264 10.12 -11.03 -21.06
C LEU A 264 10.19 -12.51 -21.41
N GLY A 265 9.60 -13.36 -20.58
CA GLY A 265 9.60 -14.78 -20.85
C GLY A 265 9.14 -14.98 -22.29
N ALA A 266 9.82 -15.87 -23.02
CA ALA A 266 9.49 -16.12 -24.41
C ALA A 266 8.52 -17.28 -24.63
N ASP A 267 7.98 -17.83 -23.55
CA ASP A 267 7.03 -18.93 -23.64
C ASP A 267 5.69 -18.49 -24.21
N THR A 268 5.66 -17.33 -24.85
CA THR A 268 4.45 -16.81 -25.48
C THR A 268 4.64 -16.86 -26.99
N ILE A 269 5.86 -17.15 -27.41
CA ILE A 269 6.23 -17.18 -28.82
C ILE A 269 5.75 -18.40 -29.61
N ALA A 270 5.32 -18.14 -30.84
CA ALA A 270 4.85 -19.19 -31.73
C ALA A 270 5.88 -20.31 -31.84
N GLY A 271 5.47 -21.54 -31.53
CA GLY A 271 6.37 -22.67 -31.62
C GLY A 271 6.71 -23.22 -30.26
N ASP A 272 6.36 -22.48 -29.22
CA ASP A 272 6.66 -22.94 -27.88
C ASP A 272 5.85 -24.17 -27.52
N PRO A 273 6.40 -25.04 -26.66
CA PRO A 273 5.70 -26.25 -26.24
C PRO A 273 4.42 -25.91 -25.48
N MET A 274 4.32 -24.65 -25.03
CA MET A 274 3.14 -24.21 -24.30
C MET A 274 1.96 -23.98 -25.25
N CYS A 275 2.25 -23.89 -26.54
CA CYS A 275 1.21 -23.91 -27.55
C CYS A 275 -0.02 -23.12 -27.12
N SER A 276 0.21 -21.89 -26.69
CA SER A 276 -0.87 -21.04 -26.18
C SER A 276 -1.02 -19.77 -27.02
N PHE A 277 -0.06 -18.86 -26.86
CA PHE A 277 -0.09 -17.60 -27.58
C PHE A 277 0.53 -17.84 -28.94
N ASN A 278 0.38 -16.89 -29.84
CA ASN A 278 0.92 -17.05 -31.19
C ASN A 278 1.73 -15.81 -31.56
N MET A 279 2.63 -15.43 -30.67
CA MET A 279 3.46 -14.22 -30.81
C MET A 279 4.82 -14.43 -31.51
N THR A 280 5.32 -13.34 -32.09
CA THR A 280 6.64 -13.36 -32.73
C THR A 280 7.48 -12.34 -31.97
N PRO A 281 8.82 -12.47 -32.00
CA PRO A 281 9.63 -11.50 -31.26
C PRO A 281 9.41 -10.05 -31.69
N VAL A 282 8.93 -9.85 -32.91
CA VAL A 282 8.69 -8.48 -33.35
C VAL A 282 7.55 -7.85 -32.53
N GLY A 283 6.56 -8.65 -32.16
CA GLY A 283 5.45 -8.13 -31.39
C GLY A 283 5.91 -7.71 -30.01
N ILE A 284 6.64 -8.59 -29.34
CA ILE A 284 7.16 -8.28 -28.02
C ILE A 284 8.08 -7.06 -28.14
N GLY A 285 8.91 -7.06 -29.17
CA GLY A 285 9.85 -5.95 -29.39
C GLY A 285 9.19 -4.59 -29.47
N LYS A 286 7.94 -4.57 -29.91
CA LYS A 286 7.21 -3.32 -30.01
C LYS A 286 6.84 -2.88 -28.61
N CYS A 287 6.46 -3.84 -27.77
CA CYS A 287 6.11 -3.54 -26.37
C CYS A 287 7.36 -2.98 -25.67
N LEU A 288 8.51 -3.57 -25.99
CA LEU A 288 9.78 -3.17 -25.41
C LEU A 288 10.19 -1.77 -25.85
N LYS A 289 10.04 -1.45 -27.14
CA LYS A 289 10.38 -0.12 -27.65
C LYS A 289 9.54 0.91 -26.91
N TYR A 290 8.26 0.61 -26.76
CA TYR A 290 7.37 1.52 -26.06
C TYR A 290 7.92 1.87 -24.69
N ILE A 291 8.27 0.85 -23.90
CA ILE A 291 8.80 1.09 -22.56
C ILE A 291 10.13 1.82 -22.60
N LEU A 292 10.99 1.42 -23.53
CA LEU A 292 12.30 2.05 -23.65
C LEU A 292 12.14 3.55 -23.90
N GLN A 293 11.19 3.89 -24.76
CA GLN A 293 10.93 5.27 -25.10
C GLN A 293 10.79 6.16 -23.85
N TRP A 294 10.24 5.61 -22.76
CA TRP A 294 10.08 6.38 -21.53
C TRP A 294 11.39 6.95 -21.01
N GLN A 295 12.51 6.31 -21.32
CA GLN A 295 13.82 6.79 -20.87
C GLN A 295 14.12 6.54 -19.40
N LEU A 296 13.40 5.61 -18.78
CA LEU A 296 13.60 5.29 -17.37
C LEU A 296 14.56 4.13 -17.19
N ALA A 297 15.21 4.08 -16.03
CA ALA A 297 16.12 3.00 -15.70
C ALA A 297 15.31 1.71 -15.88
N THR A 298 15.81 0.79 -16.71
CA THR A 298 15.08 -0.43 -16.97
C THR A 298 15.92 -1.68 -16.77
N LEU A 299 15.37 -2.63 -16.03
CA LEU A 299 16.03 -3.91 -15.74
C LEU A 299 15.31 -4.96 -16.58
N ILE A 300 15.99 -5.50 -17.59
CA ILE A 300 15.40 -6.52 -18.48
C ILE A 300 15.67 -7.94 -17.99
N LEU A 301 14.61 -8.74 -17.89
CA LEU A 301 14.75 -10.11 -17.40
C LEU A 301 14.16 -11.12 -18.36
N GLY A 302 14.62 -12.37 -18.23
CA GLY A 302 14.12 -13.44 -19.08
C GLY A 302 12.89 -14.08 -18.47
N GLY A 303 12.89 -15.40 -18.40
CA GLY A 303 11.76 -16.10 -17.83
C GLY A 303 11.44 -17.36 -18.60
N GLY A 304 10.16 -17.64 -18.80
CA GLY A 304 9.75 -18.79 -19.57
C GLY A 304 10.30 -18.78 -20.98
N GLY A 305 10.10 -19.87 -21.70
CA GLY A 305 10.66 -20.03 -23.04
C GLY A 305 11.37 -21.35 -23.22
N TYR A 306 10.74 -22.26 -23.95
CA TYR A 306 10.99 -23.68 -23.81
C TYR A 306 11.18 -24.35 -25.18
N ASN A 307 10.90 -23.61 -26.24
CA ASN A 307 11.60 -23.78 -27.50
C ASN A 307 12.96 -23.08 -27.50
N LEU A 308 13.96 -23.74 -26.91
CA LEU A 308 15.28 -23.15 -26.74
C LEU A 308 15.76 -22.28 -27.90
N ALA A 309 15.82 -22.86 -29.10
CA ALA A 309 16.23 -22.12 -30.29
C ALA A 309 15.35 -20.92 -30.50
N ASN A 310 14.06 -21.08 -30.24
CA ASN A 310 13.12 -19.99 -30.41
C ASN A 310 13.33 -18.93 -29.31
N THR A 311 13.63 -19.38 -28.10
CA THR A 311 13.87 -18.46 -27.01
C THR A 311 15.09 -17.58 -27.34
N ALA A 312 16.17 -18.19 -27.80
CA ALA A 312 17.38 -17.45 -28.15
C ALA A 312 17.13 -16.51 -29.32
N ARG A 313 16.33 -16.96 -30.28
CA ARG A 313 16.03 -16.13 -31.44
C ARG A 313 15.36 -14.87 -30.91
N CYS A 314 14.34 -15.06 -30.08
CA CYS A 314 13.59 -13.94 -29.50
C CYS A 314 14.45 -12.95 -28.73
N TRP A 315 15.13 -13.43 -27.70
CA TRP A 315 15.95 -12.54 -26.92
C TRP A 315 17.10 -11.92 -27.71
N THR A 316 17.64 -12.63 -28.69
CA THR A 316 18.70 -12.02 -29.48
C THR A 316 18.08 -10.82 -30.22
N TYR A 317 16.86 -11.00 -30.70
CA TYR A 317 16.16 -9.92 -31.40
C TYR A 317 15.83 -8.75 -30.49
N LEU A 318 15.47 -9.04 -29.24
CA LEU A 318 15.13 -7.98 -28.30
C LEU A 318 16.37 -7.20 -27.88
N THR A 319 17.53 -7.87 -27.88
CA THR A 319 18.76 -7.20 -27.52
C THR A 319 19.04 -6.25 -28.68
N GLY A 320 18.70 -6.69 -29.87
CA GLY A 320 18.91 -5.85 -31.02
C GLY A 320 18.03 -4.63 -30.87
N VAL A 321 16.77 -4.83 -30.46
CA VAL A 321 15.83 -3.72 -30.29
C VAL A 321 16.38 -2.74 -29.29
N ILE A 322 16.90 -3.27 -28.19
CA ILE A 322 17.48 -2.43 -27.16
C ILE A 322 18.59 -1.58 -27.76
N LEU A 323 19.45 -2.18 -28.57
CA LEU A 323 20.55 -1.44 -29.20
C LEU A 323 20.09 -0.58 -30.37
N GLY A 324 18.85 -0.75 -30.79
CA GLY A 324 18.37 0.04 -31.90
C GLY A 324 19.09 -0.41 -33.15
N LYS A 325 19.50 -1.68 -33.17
CA LYS A 325 20.23 -2.25 -34.30
C LYS A 325 19.40 -3.27 -35.09
N THR A 326 19.56 -3.28 -36.42
CA THR A 326 18.84 -4.23 -37.25
C THR A 326 19.71 -5.46 -37.43
N LEU A 327 19.15 -6.64 -37.21
CA LEU A 327 19.91 -7.87 -37.36
C LEU A 327 19.55 -8.52 -38.69
N SER A 328 20.45 -9.37 -39.21
CA SER A 328 20.17 -10.03 -40.47
C SER A 328 19.29 -11.25 -40.25
N SER A 329 18.44 -11.53 -41.24
CA SER A 329 17.52 -12.65 -41.18
C SER A 329 18.26 -13.98 -41.04
N GLU A 330 19.43 -14.04 -41.63
CA GLU A 330 20.21 -15.26 -41.63
C GLU A 330 21.00 -15.50 -40.36
N ILE A 331 20.70 -16.62 -39.70
CA ILE A 331 21.37 -16.99 -38.47
C ILE A 331 22.87 -17.14 -38.73
N PRO A 332 23.71 -16.37 -38.03
CA PRO A 332 25.15 -16.43 -38.19
C PRO A 332 25.63 -17.81 -37.75
N ASP A 333 26.72 -18.29 -38.34
CA ASP A 333 27.22 -19.60 -37.93
C ASP A 333 27.85 -19.40 -36.55
N HIS A 334 27.69 -20.40 -35.69
CA HIS A 334 28.25 -20.36 -34.35
C HIS A 334 28.08 -21.74 -33.76
N GLU A 335 28.40 -21.88 -32.48
CA GLU A 335 28.32 -23.18 -31.83
C GLU A 335 27.03 -23.97 -32.09
N PHE A 336 25.90 -23.47 -31.58
CA PHE A 336 24.60 -24.13 -31.71
C PHE A 336 23.85 -23.83 -33.01
N PHE A 337 24.57 -23.65 -34.11
CA PHE A 337 23.94 -23.33 -35.37
C PHE A 337 22.90 -24.32 -35.90
N THR A 338 23.17 -25.62 -35.81
CA THR A 338 22.20 -26.59 -36.34
C THR A 338 20.87 -26.62 -35.59
N ALA A 339 20.80 -25.92 -34.46
CA ALA A 339 19.58 -25.85 -33.68
C ALA A 339 18.59 -24.92 -34.36
N TYR A 340 19.09 -24.08 -35.26
CA TYR A 340 18.27 -23.07 -35.91
C TYR A 340 17.69 -23.59 -37.23
N GLY A 341 17.01 -24.72 -37.16
CA GLY A 341 15.89 -24.99 -38.05
C GLY A 341 16.32 -25.39 -39.44
N PRO A 342 15.46 -26.12 -40.14
CA PRO A 342 15.55 -26.25 -41.59
C PRO A 342 16.03 -24.95 -42.24
N ASP A 343 15.64 -23.82 -41.66
CA ASP A 343 15.61 -22.56 -42.38
C ASP A 343 16.74 -21.64 -41.93
N TYR A 344 17.16 -21.80 -40.68
CA TYR A 344 18.24 -21.00 -40.13
C TYR A 344 18.05 -19.49 -40.24
N VAL A 345 16.84 -19.01 -39.96
CA VAL A 345 16.60 -17.58 -40.01
C VAL A 345 16.20 -17.07 -38.63
N LEU A 346 16.22 -15.75 -38.48
CA LEU A 346 15.90 -15.14 -37.20
C LEU A 346 14.40 -15.05 -36.97
N GLU A 347 13.68 -14.56 -37.98
CA GLU A 347 12.25 -14.40 -37.88
C GLU A 347 11.52 -15.69 -37.51
N ILE A 348 10.44 -15.53 -36.76
CA ILE A 348 9.61 -16.66 -36.38
C ILE A 348 8.29 -16.44 -37.07
N THR A 349 7.65 -17.53 -37.48
CA THR A 349 6.38 -17.46 -38.16
C THR A 349 5.27 -17.96 -37.27
N PRO A 350 4.22 -17.16 -37.10
CA PRO A 350 3.08 -17.56 -36.25
C PRO A 350 2.32 -18.75 -36.83
N SER A 351 1.97 -19.70 -35.95
CA SER A 351 1.23 -20.90 -36.34
C SER A 351 -0.14 -20.61 -36.94
N CYS A 352 -0.77 -21.63 -37.49
CA CYS A 352 -2.09 -21.49 -38.09
C CYS A 352 -3.15 -21.95 -37.09
N ARG A 353 -3.16 -21.31 -35.92
CA ARG A 353 -4.13 -21.60 -34.88
C ARG A 353 -5.04 -20.40 -34.78
N PRO A 354 -6.28 -20.59 -34.31
CA PRO A 354 -7.20 -19.47 -34.20
C PRO A 354 -6.93 -18.61 -32.96
N ASP A 355 -7.29 -17.34 -33.07
CA ASP A 355 -7.13 -16.38 -31.97
C ASP A 355 -8.49 -16.31 -31.27
N ARG A 356 -8.68 -17.12 -30.23
CA ARG A 356 -9.94 -17.11 -29.52
C ARG A 356 -10.14 -15.94 -28.56
N ASN A 357 -9.58 -14.79 -28.89
CA ASN A 357 -9.74 -13.60 -28.07
C ASN A 357 -10.82 -12.73 -28.69
N GLU A 358 -12.03 -12.85 -28.15
CA GLU A 358 -13.15 -12.07 -28.64
C GLU A 358 -12.86 -10.60 -28.42
N PRO A 359 -12.87 -9.81 -29.50
CA PRO A 359 -12.59 -8.36 -29.44
C PRO A 359 -13.43 -7.57 -28.44
N HIS A 360 -14.62 -8.10 -28.12
CA HIS A 360 -15.51 -7.45 -27.17
C HIS A 360 -15.02 -7.59 -25.73
N ARG A 361 -14.69 -8.80 -25.31
CA ARG A 361 -14.22 -8.98 -23.94
C ARG A 361 -12.92 -8.24 -23.72
N ILE A 362 -12.04 -8.26 -24.70
CA ILE A 362 -10.77 -7.56 -24.56
C ILE A 362 -11.08 -6.11 -24.21
N GLN A 363 -12.10 -5.55 -24.86
CA GLN A 363 -12.49 -4.17 -24.62
C GLN A 363 -13.06 -3.94 -23.21
N GLN A 364 -13.79 -4.93 -22.71
CA GLN A 364 -14.36 -4.87 -21.37
C GLN A 364 -13.20 -4.83 -20.36
N ILE A 365 -12.15 -5.56 -20.67
CA ILE A 365 -10.95 -5.63 -19.83
C ILE A 365 -10.21 -4.30 -19.85
N LEU A 366 -9.93 -3.79 -21.05
CA LEU A 366 -9.22 -2.52 -21.14
C LEU A 366 -9.93 -1.44 -20.35
N ASN A 367 -11.25 -1.40 -20.46
CA ASN A 367 -12.06 -0.41 -19.75
C ASN A 367 -11.99 -0.60 -18.24
N TYR A 368 -12.15 -1.85 -17.80
CA TYR A 368 -12.10 -2.18 -16.40
C TYR A 368 -10.77 -1.71 -15.80
N ILE A 369 -9.69 -1.89 -16.57
CA ILE A 369 -8.35 -1.49 -16.13
C ILE A 369 -8.24 0.03 -16.13
N LYS A 370 -8.74 0.64 -17.20
CA LYS A 370 -8.71 2.10 -17.33
C LYS A 370 -9.41 2.67 -16.09
N GLY A 371 -10.51 2.03 -15.71
CA GLY A 371 -11.27 2.45 -14.56
C GLY A 371 -10.45 2.39 -13.29
N ASN A 372 -9.95 1.19 -12.98
CA ASN A 372 -9.16 1.02 -11.77
C ASN A 372 -7.95 1.94 -11.73
N LEU A 373 -7.37 2.25 -12.88
CA LEU A 373 -6.21 3.13 -12.90
C LEU A 373 -6.62 4.56 -12.61
N LYS A 374 -7.93 4.79 -12.58
CA LYS A 374 -8.44 6.13 -12.28
C LYS A 374 -8.15 6.45 -10.81
N HIS A 375 -8.40 5.47 -9.94
CA HIS A 375 -8.17 5.64 -8.51
C HIS A 375 -6.69 5.78 -8.14
N VAL A 376 -5.81 5.89 -9.12
CA VAL A 376 -4.40 6.02 -8.81
C VAL A 376 -3.98 7.48 -8.94
N VAL A 377 -3.43 8.01 -7.86
CA VAL A 377 -2.98 9.40 -7.82
C VAL A 377 -1.77 9.58 -6.89
N ILE A 378 -0.61 9.87 -7.48
CA ILE A 378 0.63 10.08 -6.73
C ILE A 378 0.71 11.53 -6.24
N SER B 13 22.28 25.31 35.44
CA SER B 13 21.60 26.48 34.80
C SER B 13 22.53 27.21 33.82
N LEU B 14 23.75 26.69 33.70
CA LEU B 14 24.77 27.22 32.80
C LEU B 14 25.55 25.97 32.39
N VAL B 15 25.20 24.88 33.06
CA VAL B 15 25.83 23.58 32.84
C VAL B 15 25.05 22.75 31.81
N PRO B 16 25.75 22.22 30.79
CA PRO B 16 25.20 21.41 29.70
C PRO B 16 24.34 20.23 30.17
N VAL B 17 23.14 20.11 29.62
CA VAL B 17 22.25 19.01 29.97
C VAL B 17 22.67 17.77 29.18
N TYR B 18 22.62 16.62 29.84
CA TYR B 18 23.01 15.37 29.25
C TYR B 18 21.84 14.41 29.42
N ILE B 19 20.99 14.32 28.41
CA ILE B 19 19.83 13.44 28.45
C ILE B 19 20.36 12.02 28.58
N TYR B 20 20.09 11.40 29.73
CA TYR B 20 20.57 10.05 30.01
C TYR B 20 19.87 9.39 31.17
N SER B 21 19.80 8.06 31.08
CA SER B 21 19.22 7.21 32.10
C SER B 21 19.67 5.81 31.66
N PRO B 22 19.98 4.93 32.61
CA PRO B 22 20.42 3.59 32.19
C PRO B 22 19.34 2.79 31.46
N GLU B 23 18.07 3.14 31.72
CA GLU B 23 16.94 2.47 31.08
C GLU B 23 16.88 2.87 29.59
N TYR B 24 17.29 4.11 29.31
CA TYR B 24 17.31 4.65 27.96
C TYR B 24 18.47 4.05 27.16
N VAL B 25 19.68 4.15 27.68
CA VAL B 25 20.82 3.60 26.98
C VAL B 25 20.56 2.14 26.71
N SER B 26 19.81 1.51 27.60
CA SER B 26 19.51 0.09 27.45
C SER B 26 18.54 -0.11 26.27
N MET B 27 17.56 0.78 26.20
CA MET B 27 16.55 0.75 25.16
C MET B 27 17.14 1.04 23.78
N CYS B 28 18.13 1.94 23.73
CA CYS B 28 18.76 2.32 22.48
C CYS B 28 19.46 1.17 21.77
N ASP B 29 19.84 0.14 22.51
CA ASP B 29 20.47 -1.02 21.87
C ASP B 29 19.63 -2.26 22.15
N SER B 30 18.39 -2.06 22.55
CA SER B 30 17.49 -3.16 22.86
C SER B 30 17.04 -3.94 21.64
N LEU B 31 17.16 -3.35 20.46
CA LEU B 31 16.72 -4.01 19.24
C LEU B 31 17.69 -5.06 18.68
N ALA B 32 17.13 -6.17 18.21
CA ALA B 32 17.93 -7.28 17.70
C ALA B 32 18.73 -6.86 16.47
N LYS B 33 20.02 -7.22 16.46
CA LYS B 33 20.84 -7.08 15.26
C LYS B 33 21.38 -5.66 15.12
N ILE B 34 20.63 -4.70 15.64
CA ILE B 34 21.12 -3.32 15.74
C ILE B 34 22.19 -3.19 16.80
N PRO B 35 23.44 -3.06 16.35
CA PRO B 35 24.59 -3.00 17.28
C PRO B 35 24.34 -2.20 18.54
N LYS B 36 24.85 -2.71 19.65
CA LYS B 36 24.70 -2.05 20.95
C LYS B 36 25.77 -0.96 21.04
N ARG B 37 25.44 0.21 20.51
CA ARG B 37 26.33 1.36 20.46
C ARG B 37 26.07 2.47 21.48
N ALA B 38 24.83 2.58 21.94
CA ALA B 38 24.49 3.60 22.92
C ALA B 38 25.30 3.47 24.20
N SER B 39 25.56 2.23 24.60
CA SER B 39 26.31 1.96 25.82
C SER B 39 27.77 2.36 25.72
N MET B 40 28.41 2.04 24.59
CA MET B 40 29.82 2.38 24.39
C MET B 40 30.07 3.87 24.51
N VAL B 41 29.13 4.66 24.00
CA VAL B 41 29.21 6.11 24.00
C VAL B 41 29.11 6.69 25.40
N HIS B 42 28.15 6.21 26.18
CA HIS B 42 28.01 6.71 27.53
C HIS B 42 29.18 6.26 28.39
N SER B 43 29.62 5.01 28.19
CA SER B 43 30.73 4.49 28.97
C SER B 43 32.02 5.28 28.77
N LEU B 44 32.26 5.74 27.55
CA LEU B 44 33.46 6.51 27.26
C LEU B 44 33.34 7.91 27.87
N ILE B 45 32.13 8.44 27.85
CA ILE B 45 31.84 9.76 28.40
C ILE B 45 31.98 9.65 29.92
N GLU B 46 31.56 8.50 30.44
CA GLU B 46 31.62 8.22 31.87
C GLU B 46 33.07 7.95 32.27
N ALA B 47 33.80 7.27 31.40
CA ALA B 47 35.19 6.92 31.63
C ALA B 47 36.08 8.15 31.65
N TYR B 48 35.60 9.25 31.06
CA TYR B 48 36.36 10.50 31.04
C TYR B 48 35.72 11.41 32.08
N ALA B 49 34.75 10.84 32.79
CA ALA B 49 34.02 11.53 33.84
C ALA B 49 33.37 12.83 33.37
N LEU B 50 33.13 12.93 32.07
CA LEU B 50 32.52 14.13 31.54
C LEU B 50 31.11 14.34 32.06
N HIS B 51 30.44 13.26 32.45
CA HIS B 51 29.09 13.37 32.97
C HIS B 51 29.01 14.18 34.26
N LYS B 52 30.05 14.05 35.10
CA LYS B 52 30.12 14.76 36.36
C LYS B 52 30.07 16.27 36.12
N GLN B 53 30.54 16.68 34.94
CA GLN B 53 30.55 18.09 34.57
C GLN B 53 29.28 18.57 33.88
N MET B 54 28.30 17.69 33.74
CA MET B 54 27.05 18.06 33.09
C MET B 54 25.84 17.78 33.98
N ARG B 55 24.73 18.45 33.69
CA ARG B 55 23.49 18.28 34.44
C ARG B 55 22.69 17.14 33.80
N ILE B 56 22.91 15.93 34.31
CA ILE B 56 22.24 14.74 33.80
C ILE B 56 20.74 14.73 34.05
N VAL B 57 19.96 14.69 32.97
CA VAL B 57 18.50 14.68 33.06
C VAL B 57 17.96 13.35 32.55
N LYS B 58 16.84 12.90 33.10
CA LYS B 58 16.25 11.64 32.66
C LYS B 58 15.21 11.91 31.58
N PRO B 59 15.35 11.21 30.43
CA PRO B 59 14.46 11.34 29.28
C PRO B 59 13.05 10.85 29.58
N LYS B 60 12.07 11.51 28.97
CA LYS B 60 10.70 11.07 29.12
C LYS B 60 10.44 10.22 27.90
N VAL B 61 9.23 9.67 27.79
CA VAL B 61 8.90 8.84 26.64
C VAL B 61 7.75 9.49 25.90
N ALA B 62 8.00 9.83 24.65
CA ALA B 62 6.98 10.47 23.83
C ALA B 62 5.70 9.65 23.83
N SER B 63 4.58 10.33 24.01
CA SER B 63 3.30 9.67 23.98
C SER B 63 2.84 9.77 22.52
N MET B 64 1.72 9.14 22.20
CA MET B 64 1.21 9.20 20.84
C MET B 64 1.02 10.67 20.46
N GLU B 65 0.33 11.41 21.32
CA GLU B 65 0.05 12.82 21.09
C GLU B 65 1.31 13.61 20.67
N GLU B 66 2.43 13.32 21.33
CA GLU B 66 3.68 14.02 21.01
C GLU B 66 4.30 13.57 19.68
N MET B 67 4.32 12.27 19.44
CA MET B 67 4.88 11.74 18.20
C MET B 67 4.01 12.13 17.02
N ALA B 68 2.72 12.27 17.28
CA ALA B 68 1.76 12.63 16.25
C ALA B 68 1.88 14.09 15.85
N THR B 69 2.73 14.83 16.53
CA THR B 69 2.94 16.24 16.16
C THR B 69 3.55 16.23 14.76
N PHE B 70 4.21 15.13 14.41
CA PHE B 70 4.81 15.01 13.10
C PHE B 70 4.26 13.82 12.30
N HIS B 71 4.50 12.62 12.82
CA HIS B 71 4.08 11.39 12.17
C HIS B 71 2.56 11.19 12.11
N THR B 72 2.11 10.49 11.08
CA THR B 72 0.68 10.24 10.94
C THR B 72 0.34 9.19 11.96
N ASP B 73 -0.90 9.18 12.42
CA ASP B 73 -1.32 8.20 13.41
C ASP B 73 -1.33 6.82 12.78
N ALA B 74 -1.74 6.76 11.51
CA ALA B 74 -1.78 5.50 10.78
C ALA B 74 -0.39 4.88 10.85
N TYR B 75 0.63 5.71 10.63
CA TYR B 75 2.00 5.23 10.67
C TYR B 75 2.37 4.70 12.04
N LEU B 76 2.15 5.54 13.06
CA LEU B 76 2.48 5.16 14.43
C LEU B 76 1.77 3.89 14.87
N GLN B 77 0.50 3.78 14.52
CA GLN B 77 -0.28 2.60 14.86
C GLN B 77 0.33 1.35 14.25
N HIS B 78 1.00 1.51 13.12
CA HIS B 78 1.64 0.37 12.45
C HIS B 78 2.90 -0.05 13.20
N LEU B 79 3.70 0.94 13.61
CA LEU B 79 4.93 0.65 14.36
C LEU B 79 4.48 -0.06 15.62
N GLN B 80 3.38 0.41 16.17
CA GLN B 80 2.75 -0.13 17.37
C GLN B 80 2.54 -1.62 17.17
N LYS B 81 1.95 -1.98 16.03
CA LYS B 81 1.68 -3.37 15.68
C LYS B 81 2.95 -4.21 15.58
N VAL B 82 3.70 -4.04 14.49
CA VAL B 82 4.92 -4.82 14.29
C VAL B 82 5.86 -4.82 15.49
N SER B 83 5.76 -3.81 16.35
CA SER B 83 6.61 -3.74 17.54
C SER B 83 6.33 -4.94 18.45
N GLN B 84 5.04 -5.14 18.74
CA GLN B 84 4.59 -6.25 19.58
C GLN B 84 4.77 -7.60 18.91
N GLU B 85 4.27 -7.72 17.68
CA GLU B 85 4.40 -8.96 16.93
C GLU B 85 5.89 -9.19 16.62
N GLY B 86 6.33 -8.61 15.52
CA GLY B 86 7.73 -8.74 15.10
C GLY B 86 7.87 -8.78 13.59
N ASP B 87 8.88 -9.51 13.13
CA ASP B 87 9.12 -9.66 11.69
C ASP B 87 7.97 -10.49 11.14
N ASP B 88 6.74 -10.01 11.37
CA ASP B 88 5.54 -10.70 10.94
C ASP B 88 5.30 -10.67 9.43
N ASP B 89 6.21 -10.02 8.70
CA ASP B 89 6.05 -9.91 7.26
C ASP B 89 4.70 -9.23 7.03
N HIS B 90 4.38 -8.28 7.93
CA HIS B 90 3.13 -7.54 7.86
C HIS B 90 2.95 -7.00 6.45
N PRO B 91 1.70 -7.00 5.95
CA PRO B 91 1.43 -6.51 4.60
C PRO B 91 1.76 -5.03 4.40
N ASP B 92 1.33 -4.20 5.34
CA ASP B 92 1.55 -2.77 5.26
C ASP B 92 2.99 -2.31 5.47
N SER B 93 3.88 -3.24 5.75
CA SER B 93 5.26 -2.85 6.01
C SER B 93 6.02 -2.18 4.86
N ILE B 94 6.07 -2.81 3.69
CA ILE B 94 6.79 -2.21 2.56
C ILE B 94 6.32 -0.76 2.41
N GLU B 95 5.00 -0.59 2.50
CA GLU B 95 4.34 0.70 2.37
C GLU B 95 4.84 1.74 3.36
N TYR B 96 5.14 1.31 4.57
CA TYR B 96 5.62 2.21 5.62
C TYR B 96 7.13 2.32 5.79
N GLY B 97 7.89 1.83 4.82
CA GLY B 97 9.34 1.95 4.90
C GLY B 97 10.10 0.88 5.64
N LEU B 98 9.40 -0.07 6.26
CA LEU B 98 10.09 -1.12 6.97
C LEU B 98 10.67 -2.11 5.97
N GLY B 99 11.95 -2.47 6.16
CA GLY B 99 12.59 -3.40 5.25
C GLY B 99 14.06 -3.51 5.59
N TYR B 100 14.84 -4.11 4.69
CA TYR B 100 16.26 -4.27 4.94
C TYR B 100 16.97 -3.07 5.55
N ASP B 101 16.71 -1.87 5.01
CA ASP B 101 17.36 -0.66 5.50
C ASP B 101 16.76 -0.09 6.77
N CYS B 102 15.67 -0.69 7.23
CA CYS B 102 15.00 -0.24 8.44
C CYS B 102 14.14 -1.42 8.86
N PRO B 103 14.79 -2.49 9.33
CA PRO B 103 14.18 -3.74 9.78
C PRO B 103 12.98 -3.60 10.71
N ALA B 104 12.02 -4.49 10.57
CA ALA B 104 10.84 -4.46 11.41
C ALA B 104 10.92 -5.54 12.48
N THR B 105 11.58 -5.24 13.60
CA THR B 105 11.71 -6.21 14.68
C THR B 105 10.87 -5.84 15.90
N GLU B 106 10.92 -6.69 16.92
CA GLU B 106 10.15 -6.45 18.13
C GLU B 106 10.71 -5.31 18.97
N GLY B 107 9.82 -4.46 19.46
CA GLY B 107 10.21 -3.35 20.30
C GLY B 107 10.61 -2.07 19.61
N ILE B 108 10.58 -2.03 18.29
CA ILE B 108 10.98 -0.81 17.59
C ILE B 108 10.13 0.37 18.01
N PHE B 109 8.89 0.13 18.42
CA PHE B 109 8.02 1.22 18.82
C PHE B 109 8.48 1.86 20.13
N ASP B 110 8.72 1.03 21.14
CA ASP B 110 9.17 1.50 22.43
C ASP B 110 10.52 2.16 22.22
N TYR B 111 11.33 1.52 21.37
CA TYR B 111 12.65 2.04 21.00
C TYR B 111 12.48 3.48 20.52
N ALA B 112 11.69 3.66 19.48
CA ALA B 112 11.45 4.98 18.90
C ALA B 112 10.89 5.97 19.90
N ALA B 113 9.83 5.61 20.63
CA ALA B 113 9.25 6.53 21.60
C ALA B 113 10.27 6.97 22.65
N ALA B 114 11.28 6.15 22.90
CA ALA B 114 12.30 6.53 23.86
C ALA B 114 13.18 7.61 23.23
N ILE B 115 13.73 7.30 22.05
CA ILE B 115 14.59 8.26 21.37
C ILE B 115 13.81 9.54 21.05
N GLY B 116 12.53 9.39 20.75
CA GLY B 116 11.69 10.56 20.46
C GLY B 116 11.40 11.36 21.72
N GLY B 117 11.41 10.67 22.86
CA GLY B 117 11.17 11.33 24.12
C GLY B 117 12.46 12.00 24.58
N ALA B 118 13.59 11.32 24.41
CA ALA B 118 14.89 11.87 24.78
C ALA B 118 15.05 13.27 24.18
N THR B 119 14.99 13.33 22.86
CA THR B 119 15.12 14.57 22.12
C THR B 119 14.13 15.63 22.57
N ILE B 120 12.89 15.23 22.85
CA ILE B 120 11.89 16.21 23.30
C ILE B 120 12.25 16.74 24.69
N THR B 121 12.79 15.86 25.53
CA THR B 121 13.21 16.28 26.86
C THR B 121 14.31 17.33 26.67
N ALA B 122 15.28 17.02 25.83
CA ALA B 122 16.37 17.96 25.56
C ALA B 122 15.79 19.27 25.03
N ALA B 123 14.77 19.18 24.20
CA ALA B 123 14.15 20.36 23.65
C ALA B 123 13.48 21.15 24.78
N GLN B 124 12.93 20.45 25.75
CA GLN B 124 12.27 21.10 26.90
C GLN B 124 13.26 21.78 27.82
N CYS B 125 14.38 21.12 28.10
CA CYS B 125 15.39 21.71 28.95
C CYS B 125 15.81 23.06 28.37
N LEU B 126 15.91 23.14 27.04
CA LEU B 126 16.33 24.38 26.42
C LEU B 126 15.31 25.51 26.50
N ILE B 127 14.03 25.18 26.37
CA ILE B 127 12.98 26.19 26.46
C ILE B 127 12.92 26.72 27.89
N ASP B 128 12.99 25.82 28.86
CA ASP B 128 12.95 26.19 30.27
C ASP B 128 14.31 26.72 30.73
N GLY B 129 15.10 27.22 29.79
CA GLY B 129 16.28 28.00 30.12
C GLY B 129 17.23 27.25 31.03
N MET B 130 16.95 25.98 31.26
CA MET B 130 17.76 25.16 32.15
C MET B 130 19.22 25.17 31.71
N CYS B 131 19.45 25.36 30.41
CA CYS B 131 20.80 25.36 29.87
C CYS B 131 20.80 25.97 28.48
N LYS B 132 21.99 26.16 27.93
CA LYS B 132 22.13 26.70 26.57
C LYS B 132 22.55 25.59 25.59
N VAL B 133 22.72 24.39 26.13
CA VAL B 133 23.09 23.22 25.33
C VAL B 133 22.52 21.95 25.96
N ALA B 134 21.88 21.12 25.13
CA ALA B 134 21.28 19.87 25.61
C ALA B 134 21.69 18.75 24.66
N ILE B 135 22.23 17.67 25.22
CA ILE B 135 22.70 16.55 24.44
C ILE B 135 21.89 15.24 24.52
N ASN B 136 21.68 14.62 23.35
CA ASN B 136 21.00 13.35 23.23
C ASN B 136 21.69 12.56 22.15
N TRP B 137 22.93 12.19 22.41
CA TRP B 137 23.76 11.45 21.46
C TRP B 137 23.07 10.26 20.78
N SER B 138 21.95 9.83 21.34
CA SER B 138 21.20 8.70 20.79
C SER B 138 20.10 9.07 19.81
N GLY B 139 19.99 10.34 19.47
CA GLY B 139 18.98 10.77 18.54
C GLY B 139 19.61 11.24 17.24
N GLY B 140 18.85 11.99 16.45
CA GLY B 140 19.37 12.49 15.19
C GLY B 140 19.04 11.60 14.00
N TRP B 141 17.89 10.94 14.04
CA TRP B 141 17.47 10.07 12.94
C TRP B 141 16.69 10.91 11.94
N HIS B 142 17.45 11.60 11.10
CA HIS B 142 16.95 12.52 10.11
C HIS B 142 16.22 12.02 8.83
N HIS B 143 16.17 10.71 8.60
CA HIS B 143 15.53 10.18 7.40
C HIS B 143 14.02 9.91 7.46
N ALA B 144 13.52 9.52 8.63
CA ALA B 144 12.10 9.21 8.80
C ALA B 144 11.15 10.28 8.29
N LYS B 145 10.21 9.88 7.44
CA LYS B 145 9.23 10.80 6.90
C LYS B 145 8.03 10.75 7.84
N LYS B 146 7.05 11.61 7.61
CA LYS B 146 5.87 11.65 8.46
C LYS B 146 5.13 10.32 8.59
N ASP B 147 5.10 9.55 7.52
CA ASP B 147 4.38 8.29 7.55
C ASP B 147 5.15 7.15 6.93
N GLU B 148 6.47 7.16 7.10
CA GLU B 148 7.31 6.11 6.54
C GLU B 148 8.71 6.11 7.14
N ALA B 149 9.23 4.92 7.41
CA ALA B 149 10.57 4.80 7.98
C ALA B 149 11.58 4.88 6.84
N SER B 150 12.86 4.92 7.18
CA SER B 150 13.89 5.04 6.17
C SER B 150 15.28 5.09 6.78
N GLY B 151 16.18 4.28 6.24
CA GLY B 151 17.55 4.26 6.73
C GLY B 151 17.74 4.26 8.24
N PHE B 152 17.18 3.24 8.90
CA PHE B 152 17.29 3.06 10.35
C PHE B 152 16.55 4.07 11.21
N CYS B 153 15.86 5.01 10.58
CA CYS B 153 15.12 6.02 11.32
C CYS B 153 13.64 5.68 11.33
N TYR B 154 13.15 5.13 12.43
CA TYR B 154 11.73 4.77 12.56
C TYR B 154 10.94 5.99 12.94
N LEU B 155 11.58 6.85 13.71
CA LEU B 155 10.95 8.07 14.19
C LEU B 155 11.94 9.17 13.84
N ASN B 156 11.46 10.38 13.62
CA ASN B 156 12.36 11.47 13.30
C ASN B 156 12.37 12.43 14.49
N ASP B 157 13.23 12.12 15.47
CA ASP B 157 13.34 12.94 16.67
C ASP B 157 13.81 14.34 16.36
N ALA B 158 14.76 14.45 15.42
CA ALA B 158 15.23 15.78 15.04
C ALA B 158 14.01 16.68 14.78
N VAL B 159 13.07 16.23 13.96
CA VAL B 159 11.90 17.05 13.67
C VAL B 159 11.10 17.27 14.94
N LEU B 160 10.87 16.21 15.70
CA LEU B 160 10.11 16.32 16.95
C LEU B 160 10.73 17.42 17.79
N GLY B 161 12.05 17.37 17.93
CA GLY B 161 12.76 18.35 18.73
C GLY B 161 12.72 19.75 18.16
N ILE B 162 12.71 19.86 16.82
CA ILE B 162 12.66 21.17 16.21
C ILE B 162 11.29 21.76 16.49
N LEU B 163 10.25 20.96 16.32
CA LEU B 163 8.88 21.41 16.56
C LEU B 163 8.67 21.87 18.01
N ARG B 164 9.37 21.25 18.95
CA ARG B 164 9.23 21.64 20.34
C ARG B 164 9.83 23.04 20.53
N LEU B 165 11.04 23.25 20.01
CA LEU B 165 11.72 24.53 20.10
C LEU B 165 10.87 25.66 19.53
N ARG B 166 9.99 25.35 18.60
CA ARG B 166 9.17 26.39 18.01
C ARG B 166 8.19 26.97 19.01
N ARG B 167 7.98 26.25 20.12
CA ARG B 167 7.08 26.74 21.15
C ARG B 167 7.62 28.03 21.77
N LYS B 168 8.94 28.18 21.78
CA LYS B 168 9.54 29.37 22.37
C LYS B 168 10.39 30.20 21.42
N PHE B 169 10.98 29.55 20.42
CA PHE B 169 11.81 30.25 19.46
C PHE B 169 11.12 30.36 18.11
N GLU B 170 11.16 31.55 17.52
CA GLU B 170 10.48 31.79 16.25
C GLU B 170 11.21 31.23 15.03
N ARG B 171 12.53 31.25 15.06
CA ARG B 171 13.30 30.74 13.93
C ARG B 171 14.27 29.68 14.44
N ILE B 172 14.28 28.52 13.78
CA ILE B 172 15.19 27.44 14.18
C ILE B 172 16.12 27.03 13.04
N LEU B 173 17.40 26.90 13.34
CA LEU B 173 18.38 26.48 12.33
C LEU B 173 18.78 25.03 12.61
N TYR B 174 18.61 24.16 11.61
CA TYR B 174 18.98 22.77 11.74
C TYR B 174 20.21 22.49 10.89
N VAL B 175 21.35 22.27 11.54
CA VAL B 175 22.59 21.98 10.83
C VAL B 175 22.81 20.47 10.91
N ASP B 176 22.89 19.83 9.75
CA ASP B 176 23.04 18.39 9.67
C ASP B 176 24.41 18.01 9.09
N LEU B 177 25.36 17.62 9.93
CA LEU B 177 26.67 17.27 9.43
C LEU B 177 26.90 15.77 9.19
N ASP B 178 25.82 15.01 9.21
CA ASP B 178 25.89 13.57 8.93
C ASP B 178 26.43 13.40 7.51
N LEU B 179 26.95 12.22 7.20
CA LEU B 179 27.47 11.98 5.86
C LEU B 179 26.34 11.98 4.86
N HIS B 180 25.16 11.53 5.29
CA HIS B 180 24.01 11.47 4.41
C HIS B 180 23.15 12.71 4.49
N HIS B 181 22.47 13.01 3.39
CA HIS B 181 21.58 14.16 3.30
C HIS B 181 20.42 14.00 4.28
N GLY B 182 20.08 15.06 5.00
CA GLY B 182 18.99 14.98 5.95
C GLY B 182 17.62 15.17 5.31
N ASP B 183 17.33 14.32 4.32
CA ASP B 183 16.08 14.39 3.58
C ASP B 183 14.82 14.51 4.42
N GLY B 184 14.66 13.63 5.42
CA GLY B 184 13.47 13.64 6.24
C GLY B 184 13.19 14.95 6.95
N VAL B 185 14.21 15.48 7.60
CA VAL B 185 14.08 16.73 8.33
C VAL B 185 13.85 17.86 7.34
N GLU B 186 14.55 17.80 6.22
CA GLU B 186 14.40 18.83 5.21
C GLU B 186 12.97 18.88 4.70
N ASP B 187 12.43 17.72 4.33
CA ASP B 187 11.06 17.66 3.81
C ASP B 187 10.03 18.12 4.82
N ALA B 188 10.26 17.86 6.10
CA ALA B 188 9.31 18.26 7.13
C ALA B 188 9.11 19.78 7.11
N PHE B 189 10.17 20.52 6.81
CA PHE B 189 10.07 21.98 6.81
C PHE B 189 10.40 22.64 5.48
N SER B 190 10.33 21.88 4.40
CA SER B 190 10.66 22.44 3.11
C SER B 190 9.73 23.61 2.74
N PHE B 191 8.44 23.51 3.09
CA PHE B 191 7.48 24.56 2.76
C PHE B 191 7.39 25.73 3.73
N THR B 192 8.21 25.73 4.78
CA THR B 192 8.18 26.84 5.73
C THR B 192 9.50 27.58 5.76
N SER B 193 9.45 28.80 6.29
CA SER B 193 10.62 29.66 6.40
C SER B 193 10.96 29.91 7.86
N LYS B 194 10.15 29.34 8.75
CA LYS B 194 10.37 29.48 10.18
C LYS B 194 11.45 28.51 10.65
N VAL B 195 11.88 27.65 9.74
CA VAL B 195 12.92 26.65 10.02
C VAL B 195 13.81 26.51 8.79
N MET B 196 15.11 26.68 8.99
CA MET B 196 16.04 26.53 7.88
C MET B 196 16.90 25.32 8.16
N THR B 197 17.02 24.46 7.16
CA THR B 197 17.80 23.24 7.29
C THR B 197 19.07 23.37 6.46
N VAL B 198 20.20 23.07 7.09
CA VAL B 198 21.50 23.12 6.43
C VAL B 198 22.13 21.74 6.58
N SER B 199 22.44 21.12 5.46
CA SER B 199 23.01 19.79 5.46
C SER B 199 24.23 19.69 4.56
N LEU B 200 25.35 19.20 5.10
CA LEU B 200 26.55 19.00 4.30
C LEU B 200 26.59 17.47 4.18
N HIS B 201 26.83 16.95 2.99
CA HIS B 201 26.82 15.50 2.85
C HIS B 201 27.33 15.01 1.53
N LYS B 202 27.61 13.72 1.47
CA LYS B 202 28.08 13.12 0.24
C LYS B 202 26.86 13.05 -0.68
N PHE B 203 27.08 13.42 -1.94
CA PHE B 203 26.04 13.39 -2.95
C PHE B 203 26.72 12.81 -4.16
N SER B 204 26.30 11.61 -4.54
CA SER B 204 26.91 10.94 -5.66
C SER B 204 25.96 9.89 -6.21
N PRO B 205 26.08 9.58 -7.51
CA PRO B 205 25.21 8.60 -8.15
C PRO B 205 24.98 7.34 -7.33
N GLY B 206 23.72 7.10 -6.96
CA GLY B 206 23.37 5.91 -6.19
C GLY B 206 23.72 5.90 -4.72
N PHE B 207 24.12 7.04 -4.19
CA PHE B 207 24.46 7.13 -2.78
C PHE B 207 23.22 7.55 -2.04
N PHE B 208 22.92 6.85 -0.96
CA PHE B 208 21.75 7.12 -0.15
C PHE B 208 21.75 8.52 0.44
N PRO B 209 20.58 9.19 0.51
CA PRO B 209 19.27 8.71 0.07
C PRO B 209 19.03 9.10 -1.39
N GLY B 210 20.01 9.76 -1.99
CA GLY B 210 19.91 10.17 -3.38
C GLY B 210 19.52 11.62 -3.58
N THR B 211 18.96 12.25 -2.57
CA THR B 211 18.54 13.63 -2.69
C THR B 211 19.59 14.56 -2.11
N GLY B 212 19.37 15.86 -2.25
CA GLY B 212 20.30 16.82 -1.68
C GLY B 212 21.30 17.53 -2.57
N ASP B 213 20.96 17.77 -3.83
CA ASP B 213 21.91 18.46 -4.69
C ASP B 213 21.85 19.93 -4.29
N VAL B 214 22.90 20.67 -4.62
CA VAL B 214 22.97 22.08 -4.26
C VAL B 214 21.76 22.90 -4.70
N SER B 215 21.10 22.45 -5.77
CA SER B 215 19.92 23.13 -6.30
C SER B 215 18.62 22.80 -5.55
N ASP B 216 18.71 21.99 -4.50
CA ASP B 216 17.56 21.66 -3.68
C ASP B 216 17.48 22.79 -2.65
N VAL B 217 16.61 23.77 -2.87
CA VAL B 217 16.51 24.94 -1.99
C VAL B 217 15.22 25.17 -1.21
N GLY B 218 14.20 24.35 -1.46
CA GLY B 218 12.96 24.52 -0.73
C GLY B 218 11.81 24.80 -1.66
N LEU B 219 10.61 24.91 -1.11
CA LEU B 219 9.42 25.17 -1.91
C LEU B 219 8.48 26.17 -1.25
N GLY B 220 7.68 26.83 -2.10
CA GLY B 220 6.75 27.82 -1.62
C GLY B 220 7.48 28.88 -0.83
N LYS B 221 6.88 29.30 0.28
CA LYS B 221 7.46 30.29 1.14
C LYS B 221 8.72 29.72 1.80
N GLY B 222 8.98 28.44 1.56
CA GLY B 222 10.15 27.80 2.12
C GLY B 222 11.33 27.83 1.16
N ARG B 223 11.11 28.47 0.00
CA ARG B 223 12.15 28.59 -1.02
C ARG B 223 13.35 29.35 -0.46
N TYR B 224 14.54 28.77 -0.67
CA TYR B 224 15.82 29.30 -0.21
C TYR B 224 16.09 29.02 1.28
N TYR B 225 15.13 28.38 1.94
CA TYR B 225 15.28 28.07 3.36
C TYR B 225 15.78 26.64 3.60
N SER B 226 16.32 26.05 2.55
CA SER B 226 16.91 24.73 2.59
C SER B 226 18.22 24.87 1.81
N VAL B 227 19.35 24.74 2.51
CA VAL B 227 20.63 24.82 1.83
C VAL B 227 21.32 23.47 1.91
N ASN B 228 21.75 22.99 0.74
CA ASN B 228 22.39 21.70 0.62
C ASN B 228 23.79 21.79 0.01
N VAL B 229 24.77 21.20 0.67
CA VAL B 229 26.14 21.23 0.19
C VAL B 229 26.66 19.87 -0.25
N PRO B 230 26.57 19.55 -1.56
CA PRO B 230 27.07 18.26 -2.04
C PRO B 230 28.61 18.22 -2.01
N ILE B 231 29.16 17.16 -1.40
CA ILE B 231 30.61 17.00 -1.28
C ILE B 231 31.03 15.60 -1.74
N GLN B 232 32.23 15.49 -2.31
CA GLN B 232 32.72 14.19 -2.77
C GLN B 232 33.63 13.53 -1.73
N ASP B 233 34.04 12.30 -2.00
CA ASP B 233 34.89 11.52 -1.10
C ASP B 233 36.26 12.07 -0.77
N GLY B 234 36.74 11.69 0.41
CA GLY B 234 38.06 12.11 0.84
C GLY B 234 38.25 13.49 1.43
N ILE B 235 37.17 14.18 1.78
CA ILE B 235 37.30 15.53 2.35
C ILE B 235 37.94 15.38 3.73
N GLN B 236 38.74 16.35 4.15
CA GLN B 236 39.40 16.29 5.47
C GLN B 236 39.06 17.52 6.29
N ASP B 237 39.28 17.44 7.61
CA ASP B 237 38.98 18.54 8.52
C ASP B 237 39.15 19.97 7.98
N GLU B 238 40.31 20.24 7.39
CA GLU B 238 40.58 21.58 6.86
C GLU B 238 39.55 22.07 5.85
N LYS B 239 39.51 21.45 4.67
CA LYS B 239 38.53 21.87 3.66
C LYS B 239 37.11 21.85 4.21
N TYR B 240 36.75 20.79 4.93
CA TYR B 240 35.41 20.66 5.49
C TYR B 240 35.04 21.88 6.33
N TYR B 241 35.93 22.28 7.22
CA TYR B 241 35.65 23.44 8.07
C TYR B 241 35.50 24.69 7.23
N GLN B 242 36.39 24.88 6.28
CA GLN B 242 36.32 26.05 5.42
C GLN B 242 34.92 26.17 4.84
N ILE B 243 34.49 25.09 4.18
CA ILE B 243 33.16 25.03 3.58
C ILE B 243 32.06 25.28 4.60
N CYS B 244 32.10 24.54 5.70
CA CYS B 244 31.12 24.67 6.75
C CYS B 244 31.02 26.09 7.27
N GLU B 245 32.14 26.62 7.77
CA GLU B 245 32.19 27.98 8.32
C GLU B 245 31.64 29.00 7.32
N SER B 246 32.07 28.90 6.07
CA SER B 246 31.60 29.81 5.04
C SER B 246 30.06 29.80 4.96
N VAL B 247 29.48 28.60 4.80
CA VAL B 247 28.03 28.45 4.70
C VAL B 247 27.32 28.95 5.96
N LEU B 248 27.76 28.47 7.13
CA LEU B 248 27.16 28.88 8.40
C LEU B 248 27.32 30.38 8.71
N LYS B 249 28.28 31.02 8.04
CA LYS B 249 28.55 32.44 8.23
C LYS B 249 27.42 33.23 7.58
N GLU B 250 27.15 32.91 6.32
CA GLU B 250 26.08 33.56 5.57
C GLU B 250 24.74 33.21 6.22
N VAL B 251 24.48 31.93 6.42
CA VAL B 251 23.22 31.47 7.02
C VAL B 251 22.89 32.22 8.31
N TYR B 252 23.87 32.43 9.17
CA TYR B 252 23.63 33.13 10.42
C TYR B 252 23.19 34.55 10.14
N GLN B 253 23.78 35.12 9.08
CA GLN B 253 23.49 36.49 8.67
C GLN B 253 22.17 36.63 7.94
N ALA B 254 21.79 35.62 7.18
CA ALA B 254 20.56 35.65 6.42
C ALA B 254 19.36 35.08 7.18
N PHE B 255 19.63 34.38 8.29
CA PHE B 255 18.54 33.76 9.02
C PHE B 255 18.38 34.23 10.46
N ASN B 256 19.45 34.77 11.04
CA ASN B 256 19.42 35.24 12.42
C ASN B 256 18.50 34.35 13.26
N PRO B 257 18.86 33.06 13.40
CA PRO B 257 18.08 32.09 14.16
C PRO B 257 18.03 32.38 15.66
N LYS B 258 17.10 31.74 16.35
CA LYS B 258 16.94 31.94 17.79
C LYS B 258 17.31 30.69 18.59
N ALA B 259 17.48 29.57 17.90
CA ALA B 259 17.84 28.30 18.52
C ALA B 259 18.43 27.42 17.42
N VAL B 260 19.27 26.46 17.81
CA VAL B 260 19.93 25.57 16.86
C VAL B 260 19.80 24.09 17.24
N VAL B 261 19.66 23.24 16.23
CA VAL B 261 19.58 21.79 16.40
C VAL B 261 20.67 21.26 15.49
N LEU B 262 21.68 20.65 16.08
CA LEU B 262 22.81 20.16 15.32
C LEU B 262 22.90 18.65 15.35
N GLN B 263 22.93 18.05 14.16
CA GLN B 263 23.02 16.59 13.99
C GLN B 263 24.48 16.33 13.63
N LEU B 264 25.14 15.48 14.40
CA LEU B 264 26.55 15.19 14.17
C LEU B 264 26.89 13.73 13.87
N GLY B 265 26.08 13.08 13.05
CA GLY B 265 26.36 11.69 12.71
C GLY B 265 27.85 11.51 12.48
N ALA B 266 28.42 10.47 13.10
CA ALA B 266 29.84 10.20 13.01
C ALA B 266 30.27 9.35 11.80
N ASP B 267 29.36 9.14 10.85
CA ASP B 267 29.68 8.34 9.67
C ASP B 267 30.49 9.08 8.61
N THR B 268 31.07 10.21 9.00
CA THR B 268 31.91 10.98 8.08
C THR B 268 33.35 10.80 8.54
N ILE B 269 33.51 10.22 9.72
CA ILE B 269 34.84 10.01 10.29
C ILE B 269 35.63 8.95 9.55
N ALA B 270 36.93 9.17 9.39
CA ALA B 270 37.78 8.20 8.71
C ALA B 270 37.68 6.86 9.43
N GLY B 271 37.64 5.78 8.66
CA GLY B 271 37.55 4.45 9.23
C GLY B 271 36.12 3.95 9.32
N ASP B 272 35.16 4.78 8.94
CA ASP B 272 33.77 4.34 9.01
C ASP B 272 33.52 3.39 7.84
N PRO B 273 32.70 2.34 8.07
CA PRO B 273 32.42 1.38 6.99
C PRO B 273 31.88 2.11 5.76
N MET B 274 31.29 3.30 5.96
CA MET B 274 30.76 4.09 4.85
C MET B 274 31.89 4.40 3.89
N CYS B 275 33.12 4.40 4.41
CA CYS B 275 34.31 4.64 3.62
C CYS B 275 34.13 5.77 2.60
N SER B 276 33.63 6.91 3.04
CA SER B 276 33.41 8.04 2.16
C SER B 276 34.26 9.26 2.49
N PHE B 277 33.88 9.99 3.54
CA PHE B 277 34.66 11.14 3.94
C PHE B 277 35.87 10.67 4.71
N ASN B 278 36.83 11.56 4.90
CA ASN B 278 38.04 11.22 5.64
C ASN B 278 38.27 12.26 6.74
N MET B 279 37.24 12.47 7.55
CA MET B 279 37.29 13.43 8.66
C MET B 279 37.80 12.80 9.97
N THR B 280 38.09 13.65 10.95
CA THR B 280 38.49 13.19 12.28
C THR B 280 37.62 14.07 13.17
N PRO B 281 37.32 13.61 14.40
CA PRO B 281 36.48 14.45 15.27
C PRO B 281 36.98 15.88 15.53
N VAL B 282 38.25 16.16 15.27
CA VAL B 282 38.74 17.53 15.47
C VAL B 282 38.14 18.47 14.42
N GLY B 283 38.00 17.99 13.20
CA GLY B 283 37.41 18.81 12.17
C GLY B 283 35.97 19.13 12.54
N ILE B 284 35.17 18.09 12.80
CA ILE B 284 33.78 18.29 13.16
C ILE B 284 33.76 19.24 14.34
N GLY B 285 34.71 19.02 15.25
CA GLY B 285 34.80 19.87 16.44
C GLY B 285 34.91 21.37 16.20
N LYS B 286 35.61 21.77 15.14
CA LYS B 286 35.75 23.19 14.84
C LYS B 286 34.39 23.75 14.42
N CYS B 287 33.68 23.00 13.56
CA CYS B 287 32.35 23.42 13.10
C CYS B 287 31.46 23.57 14.33
N LEU B 288 31.63 22.68 15.28
CA LEU B 288 30.85 22.75 16.49
C LEU B 288 31.23 24.01 17.26
N LYS B 289 32.54 24.26 17.41
CA LYS B 289 32.99 25.45 18.12
C LYS B 289 32.36 26.68 17.48
N TYR B 290 32.40 26.74 16.16
CA TYR B 290 31.82 27.87 15.46
C TYR B 290 30.36 28.11 15.84
N ILE B 291 29.56 27.05 15.82
CA ILE B 291 28.14 27.18 16.15
C ILE B 291 27.89 27.59 17.60
N LEU B 292 28.60 26.96 18.53
CA LEU B 292 28.44 27.28 19.95
C LEU B 292 28.72 28.77 20.21
N GLN B 293 29.74 29.28 19.55
CA GLN B 293 30.12 30.69 19.66
C GLN B 293 28.86 31.57 19.66
N TRP B 294 27.92 31.35 18.74
CA TRP B 294 26.69 32.14 18.70
C TRP B 294 26.00 32.19 20.07
N GLN B 295 26.12 31.13 20.84
CA GLN B 295 25.51 31.08 22.17
C GLN B 295 23.99 31.14 22.22
N LEU B 296 23.36 30.35 21.35
CA LEU B 296 21.90 30.25 21.27
C LEU B 296 21.54 28.88 21.84
N ALA B 297 20.26 28.65 22.15
CA ALA B 297 19.83 27.36 22.67
C ALA B 297 20.23 26.35 21.59
N THR B 298 21.09 25.40 21.94
CA THR B 298 21.57 24.42 20.98
C THR B 298 21.35 22.97 21.41
N LEU B 299 20.52 22.26 20.64
CA LEU B 299 20.22 20.87 20.90
C LEU B 299 21.20 20.02 20.09
N ILE B 300 22.03 19.25 20.79
CA ILE B 300 23.00 18.40 20.13
C ILE B 300 22.47 16.97 19.97
N LEU B 301 22.56 16.45 18.74
CA LEU B 301 22.07 15.12 18.44
C LEU B 301 23.13 14.28 17.76
N GLY B 302 22.96 12.96 17.84
CA GLY B 302 23.87 12.03 17.19
C GLY B 302 23.49 11.78 15.74
N GLY B 303 23.43 10.51 15.35
CA GLY B 303 23.10 10.14 14.00
C GLY B 303 23.84 8.89 13.54
N GLY B 304 24.27 8.90 12.28
CA GLY B 304 25.11 7.83 11.76
C GLY B 304 26.41 7.71 12.51
N GLY B 305 27.21 6.70 12.16
CA GLY B 305 28.40 6.37 12.91
C GLY B 305 28.48 4.88 13.25
N TYR B 306 29.22 4.14 12.43
CA TYR B 306 29.03 2.70 12.32
C TYR B 306 30.34 1.95 12.52
N ASN B 307 31.41 2.70 12.78
CA ASN B 307 32.62 2.12 13.35
C ASN B 307 32.39 2.56 14.81
N LEU B 308 31.63 1.75 15.56
CA LEU B 308 31.24 2.04 16.94
C LEU B 308 32.30 2.72 17.83
N ALA B 309 33.48 2.13 17.89
CA ALA B 309 34.57 2.70 18.68
C ALA B 309 34.79 4.15 18.25
N ASN B 310 35.13 4.34 16.97
CA ASN B 310 35.38 5.68 16.45
C ASN B 310 34.21 6.63 16.64
N THR B 311 33.00 6.09 16.74
CA THR B 311 31.82 6.92 16.92
C THR B 311 31.79 7.42 18.35
N ALA B 312 32.12 6.53 19.29
CA ALA B 312 32.15 6.87 20.72
C ALA B 312 33.29 7.85 20.91
N ARG B 313 34.41 7.50 20.30
CA ARG B 313 35.62 8.28 20.33
C ARG B 313 35.30 9.72 19.91
N CYS B 314 34.55 9.85 18.82
CA CYS B 314 34.16 11.14 18.27
C CYS B 314 33.18 11.93 19.14
N TRP B 315 32.07 11.31 19.52
CA TRP B 315 31.10 12.03 20.33
C TRP B 315 31.62 12.29 21.74
N THR B 316 32.61 11.52 22.20
CA THR B 316 33.14 11.78 23.53
C THR B 316 33.97 13.04 23.35
N TYR B 317 34.84 13.04 22.35
CA TYR B 317 35.65 14.21 22.08
C TYR B 317 34.81 15.46 21.91
N LEU B 318 33.66 15.34 21.25
CA LEU B 318 32.82 16.51 21.04
C LEU B 318 32.20 16.99 22.34
N THR B 319 31.89 16.07 23.23
CA THR B 319 31.32 16.44 24.53
C THR B 319 32.38 17.28 25.25
N GLY B 320 33.65 16.96 24.99
CA GLY B 320 34.74 17.69 25.59
C GLY B 320 34.72 19.11 25.11
N VAL B 321 34.49 19.29 23.81
CA VAL B 321 34.43 20.62 23.21
C VAL B 321 33.28 21.43 23.81
N ILE B 322 32.17 20.76 24.12
CA ILE B 322 31.01 21.42 24.68
C ILE B 322 31.30 21.83 26.13
N LEU B 323 32.06 21.02 26.83
CA LEU B 323 32.42 21.29 28.21
C LEU B 323 33.61 22.24 28.23
N GLY B 324 34.19 22.47 27.05
CA GLY B 324 35.34 23.35 26.95
C GLY B 324 36.55 22.72 27.59
N LYS B 325 36.53 21.40 27.74
CA LYS B 325 37.65 20.68 28.34
C LYS B 325 38.51 20.00 27.29
N THR B 326 39.68 19.54 27.72
CA THR B 326 40.63 18.83 26.86
C THR B 326 40.89 17.46 27.46
N LEU B 327 40.58 16.42 26.68
CA LEU B 327 40.75 15.05 27.15
C LEU B 327 42.14 14.52 26.87
N SER B 328 42.58 13.59 27.70
CA SER B 328 43.89 12.98 27.54
C SER B 328 43.80 11.92 26.46
N SER B 329 44.89 11.76 25.72
CA SER B 329 44.93 10.78 24.66
C SER B 329 44.44 9.41 25.13
N GLU B 330 45.19 8.79 26.03
CA GLU B 330 44.86 7.46 26.51
C GLU B 330 43.41 7.17 26.85
N ILE B 331 42.91 6.03 26.38
CA ILE B 331 41.54 5.63 26.65
C ILE B 331 41.44 5.13 28.08
N PRO B 332 40.60 5.78 28.90
CA PRO B 332 40.45 5.37 30.29
C PRO B 332 39.92 3.96 30.34
N ASP B 333 40.70 3.04 30.93
CA ASP B 333 40.24 1.67 31.02
C ASP B 333 38.81 1.72 31.53
N HIS B 334 37.95 0.87 31.00
CA HIS B 334 36.55 0.83 31.39
C HIS B 334 35.88 -0.32 30.65
N GLU B 335 34.59 -0.50 30.93
CA GLU B 335 33.80 -1.58 30.34
C GLU B 335 34.17 -2.07 28.95
N PHE B 336 34.28 -1.16 27.98
CA PHE B 336 34.59 -1.55 26.59
C PHE B 336 36.01 -1.23 26.16
N PHE B 337 36.94 -1.22 27.11
CA PHE B 337 38.32 -0.89 26.77
C PHE B 337 38.91 -1.65 25.59
N THR B 338 38.86 -2.97 25.61
CA THR B 338 39.43 -3.78 24.54
C THR B 338 38.91 -3.42 23.15
N ALA B 339 37.76 -2.78 23.10
CA ALA B 339 37.16 -2.38 21.84
C ALA B 339 37.94 -1.26 21.15
N TYR B 340 38.82 -0.58 21.87
CA TYR B 340 39.54 0.52 21.25
C TYR B 340 40.80 0.15 20.51
N GLY B 341 40.57 -0.64 19.46
CA GLY B 341 41.62 -1.11 18.57
C GLY B 341 42.93 -1.44 19.24
N PRO B 342 44.03 -1.40 18.49
CA PRO B 342 45.39 -1.68 18.97
C PRO B 342 46.06 -0.45 19.58
N ASP B 343 45.62 0.73 19.13
CA ASP B 343 46.16 2.01 19.56
C ASP B 343 45.77 2.45 20.98
N TYR B 344 44.49 2.28 21.31
CA TYR B 344 43.94 2.66 22.61
C TYR B 344 44.05 4.17 22.92
N VAL B 345 43.92 5.01 21.90
CA VAL B 345 43.97 6.47 22.06
C VAL B 345 42.63 7.08 21.68
N LEU B 346 42.49 8.39 21.83
CA LEU B 346 41.24 9.08 21.50
C LEU B 346 41.27 9.69 20.09
N GLU B 347 42.47 10.05 19.62
CA GLU B 347 42.59 10.65 18.30
C GLU B 347 42.39 9.63 17.18
N ILE B 348 41.94 10.13 16.04
CA ILE B 348 41.70 9.30 14.86
C ILE B 348 42.57 9.78 13.70
N THR B 349 43.14 8.83 12.96
CA THR B 349 44.00 9.17 11.84
C THR B 349 43.28 9.06 10.50
N PRO B 350 43.37 10.10 9.67
CA PRO B 350 42.71 10.06 8.36
C PRO B 350 43.36 9.01 7.45
N SER B 351 42.55 8.29 6.69
CA SER B 351 43.02 7.25 5.78
C SER B 351 43.87 7.78 4.62
N CYS B 352 44.33 6.84 3.80
CA CYS B 352 45.15 7.17 2.63
C CYS B 352 44.27 7.66 1.49
N ARG B 353 42.97 7.36 1.57
CA ARG B 353 41.97 7.74 0.58
C ARG B 353 42.17 9.20 0.14
N PRO B 354 42.28 9.45 -1.17
CA PRO B 354 42.47 10.82 -1.66
C PRO B 354 41.21 11.69 -1.66
N ASP B 355 41.42 13.01 -1.62
CA ASP B 355 40.35 13.99 -1.61
C ASP B 355 39.97 14.34 -3.05
N ARG B 356 38.85 13.80 -3.52
CA ARG B 356 38.43 14.06 -4.88
C ARG B 356 37.62 15.37 -5.04
N ASN B 357 37.59 16.19 -3.99
CA ASN B 357 36.88 17.46 -4.02
C ASN B 357 37.68 18.58 -4.68
N GLU B 358 37.22 19.00 -5.87
CA GLU B 358 37.87 20.05 -6.64
C GLU B 358 37.60 21.45 -6.10
N PRO B 359 38.65 22.23 -5.85
CA PRO B 359 38.48 23.59 -5.33
C PRO B 359 37.62 24.51 -6.18
N HIS B 360 37.56 24.24 -7.49
CA HIS B 360 36.75 25.07 -8.39
C HIS B 360 35.28 24.77 -8.24
N ARG B 361 34.93 23.48 -8.24
CA ARG B 361 33.54 23.05 -8.08
C ARG B 361 33.00 23.50 -6.74
N ILE B 362 33.80 23.34 -5.70
CA ILE B 362 33.39 23.74 -4.36
C ILE B 362 33.13 25.24 -4.32
N GLN B 363 34.00 26.02 -4.95
CA GLN B 363 33.83 27.47 -4.94
C GLN B 363 32.50 27.88 -5.58
N GLN B 364 32.10 27.16 -6.62
CA GLN B 364 30.83 27.45 -7.30
C GLN B 364 29.69 27.23 -6.31
N ILE B 365 29.67 26.06 -5.67
CA ILE B 365 28.64 25.71 -4.69
C ILE B 365 28.54 26.79 -3.63
N LEU B 366 29.67 27.37 -3.26
CA LEU B 366 29.65 28.40 -2.26
C LEU B 366 29.03 29.70 -2.75
N ASN B 367 29.39 30.14 -3.95
CA ASN B 367 28.83 31.37 -4.50
C ASN B 367 27.33 31.19 -4.67
N TYR B 368 26.96 30.06 -5.27
CA TYR B 368 25.57 29.71 -5.51
C TYR B 368 24.78 29.85 -4.21
N ILE B 369 25.25 29.18 -3.17
CA ILE B 369 24.59 29.23 -1.88
C ILE B 369 24.47 30.66 -1.37
N LYS B 370 25.59 31.39 -1.35
CA LYS B 370 25.56 32.77 -0.85
C LYS B 370 24.60 33.61 -1.69
N GLY B 371 24.55 33.35 -2.99
CA GLY B 371 23.63 34.08 -3.85
C GLY B 371 22.21 33.81 -3.39
N ASN B 372 21.89 32.52 -3.18
CA ASN B 372 20.56 32.12 -2.71
C ASN B 372 20.22 32.80 -1.39
N LEU B 373 21.16 32.77 -0.46
CA LEU B 373 20.93 33.37 0.84
C LEU B 373 20.74 34.89 0.78
N LYS B 374 20.90 35.46 -0.41
CA LYS B 374 20.69 36.90 -0.57
C LYS B 374 19.18 37.11 -0.65
N HIS B 375 18.50 36.22 -1.37
CA HIS B 375 17.04 36.31 -1.49
C HIS B 375 16.42 36.23 -0.11
N VAL B 376 16.87 35.29 0.70
CA VAL B 376 16.35 35.13 2.04
C VAL B 376 16.52 36.46 2.75
N VAL B 377 17.72 37.03 2.65
CA VAL B 377 18.05 38.32 3.27
C VAL B 377 16.99 39.36 2.92
N ILE B 378 16.31 39.15 1.80
CA ILE B 378 15.26 40.05 1.36
C ILE B 378 13.90 39.39 1.64
N SER C 13 -30.31 13.17 19.60
CA SER C 13 -28.88 13.42 19.93
C SER C 13 -28.00 13.27 18.69
N LEU C 14 -26.98 12.43 18.80
CA LEU C 14 -26.07 12.17 17.69
C LEU C 14 -25.88 10.66 17.56
N VAL C 15 -25.59 10.02 18.69
CA VAL C 15 -25.36 8.59 18.74
C VAL C 15 -26.56 7.83 18.16
N PRO C 16 -26.36 7.17 17.02
CA PRO C 16 -27.44 6.42 16.38
C PRO C 16 -27.83 5.18 17.18
N VAL C 17 -29.12 4.87 17.17
CA VAL C 17 -29.65 3.71 17.88
C VAL C 17 -29.44 2.43 17.08
N TYR C 18 -28.96 1.39 17.74
CA TYR C 18 -28.71 0.11 17.11
C TYR C 18 -29.57 -1.00 17.74
N ILE C 19 -30.66 -1.36 17.07
CA ILE C 19 -31.56 -2.41 17.57
C ILE C 19 -30.92 -3.80 17.64
N TYR C 20 -30.66 -4.29 18.84
CA TYR C 20 -30.05 -5.60 18.99
C TYR C 20 -30.18 -6.24 20.37
N SER C 21 -30.16 -7.57 20.37
CA SER C 21 -30.22 -8.39 21.57
C SER C 21 -29.74 -9.73 21.06
N PRO C 22 -28.99 -10.50 21.88
CA PRO C 22 -28.51 -11.80 21.41
C PRO C 22 -29.62 -12.77 21.00
N GLU C 23 -30.72 -12.76 21.74
CA GLU C 23 -31.84 -13.63 21.44
C GLU C 23 -32.42 -13.26 20.08
N TYR C 24 -32.50 -11.96 19.83
CA TYR C 24 -33.02 -11.46 18.56
C TYR C 24 -32.16 -11.94 17.39
N VAL C 25 -30.85 -11.81 17.52
CA VAL C 25 -29.95 -12.28 16.48
C VAL C 25 -30.13 -13.78 16.32
N SER C 26 -30.16 -14.47 17.46
CA SER C 26 -30.35 -15.91 17.48
C SER C 26 -31.67 -16.29 16.80
N MET C 27 -32.69 -15.46 16.99
CA MET C 27 -34.00 -15.70 16.40
C MET C 27 -34.01 -15.50 14.88
N CYS C 28 -33.20 -14.57 14.38
CA CYS C 28 -33.13 -14.30 12.95
C CYS C 28 -32.30 -15.39 12.25
N ASP C 29 -31.50 -16.09 13.05
CA ASP C 29 -30.64 -17.17 12.56
C ASP C 29 -31.29 -18.49 12.97
N SER C 30 -32.60 -18.50 13.15
CA SER C 30 -33.27 -19.72 13.59
C SER C 30 -34.22 -20.43 12.64
N LEU C 31 -34.05 -20.23 11.33
CA LEU C 31 -34.91 -20.92 10.38
C LEU C 31 -34.08 -21.91 9.57
N ALA C 32 -34.75 -22.88 8.96
CA ALA C 32 -34.08 -23.90 8.17
C ALA C 32 -33.40 -23.30 6.95
N LYS C 33 -32.18 -23.74 6.67
CA LYS C 33 -31.60 -23.62 5.35
C LYS C 33 -31.45 -22.16 4.93
N ILE C 34 -31.95 -21.26 5.78
CA ILE C 34 -31.61 -19.85 5.67
C ILE C 34 -30.35 -19.53 6.47
N PRO C 35 -29.23 -19.42 5.76
CA PRO C 35 -27.93 -19.17 6.41
C PRO C 35 -27.97 -18.17 7.56
N LYS C 36 -27.18 -18.46 8.59
CA LYS C 36 -27.08 -17.63 9.80
C LYS C 36 -26.42 -16.28 9.57
N ARG C 37 -26.96 -15.52 8.61
CA ARG C 37 -26.42 -14.21 8.27
C ARG C 37 -26.48 -13.16 9.38
N ALA C 38 -27.60 -13.10 10.09
CA ALA C 38 -27.77 -12.11 11.15
C ALA C 38 -26.61 -12.07 12.14
N SER C 39 -26.19 -13.23 12.62
CA SER C 39 -25.09 -13.30 13.58
C SER C 39 -23.80 -12.75 12.97
N MET C 40 -23.51 -13.17 11.74
CA MET C 40 -22.32 -12.70 11.04
C MET C 40 -22.28 -11.18 11.00
N VAL C 41 -23.37 -10.58 10.53
CA VAL C 41 -23.45 -9.13 10.43
C VAL C 41 -23.23 -8.41 11.75
N HIS C 42 -23.87 -8.88 12.82
CA HIS C 42 -23.69 -8.25 14.12
C HIS C 42 -22.25 -8.48 14.57
N SER C 43 -21.81 -9.74 14.44
CA SER C 43 -20.47 -10.15 14.81
C SER C 43 -19.41 -9.21 14.23
N LEU C 44 -19.48 -9.00 12.91
CA LEU C 44 -18.54 -8.14 12.24
C LEU C 44 -18.59 -6.72 12.79
N ILE C 45 -19.79 -6.16 12.87
CA ILE C 45 -19.97 -4.81 13.39
C ILE C 45 -19.32 -4.72 14.78
N GLU C 46 -19.43 -5.82 15.53
CA GLU C 46 -18.86 -5.90 16.86
C GLU C 46 -17.35 -5.97 16.74
N ALA C 47 -16.88 -6.73 15.76
CA ALA C 47 -15.44 -6.89 15.54
C ALA C 47 -14.79 -5.52 15.34
N TYR C 48 -15.53 -4.57 14.78
CA TYR C 48 -15.00 -3.23 14.58
C TYR C 48 -15.36 -2.33 15.76
N ALA C 49 -15.99 -2.93 16.78
CA ALA C 49 -16.41 -2.21 17.98
C ALA C 49 -17.24 -0.98 17.64
N LEU C 50 -18.19 -1.15 16.73
CA LEU C 50 -19.06 -0.06 16.30
C LEU C 50 -20.24 0.15 17.23
N HIS C 51 -20.68 -0.92 17.88
CA HIS C 51 -21.80 -0.84 18.81
C HIS C 51 -21.45 0.04 20.00
N LYS C 52 -20.16 0.09 20.33
CA LYS C 52 -19.68 0.90 21.45
C LYS C 52 -19.93 2.38 21.23
N GLN C 53 -20.41 2.74 20.04
CA GLN C 53 -20.68 4.13 19.73
C GLN C 53 -22.13 4.34 19.36
N MET C 54 -22.93 3.31 19.60
CA MET C 54 -24.35 3.35 19.32
C MET C 54 -25.14 2.94 20.54
N ARG C 55 -26.42 3.27 20.55
CA ARG C 55 -27.29 2.90 21.66
C ARG C 55 -27.97 1.58 21.40
N ILE C 56 -27.39 0.50 21.90
CA ILE C 56 -27.96 -0.82 21.73
C ILE C 56 -29.30 -0.82 22.44
N VAL C 57 -30.31 -1.42 21.83
CA VAL C 57 -31.64 -1.48 22.42
C VAL C 57 -32.30 -2.78 22.01
N LYS C 58 -32.58 -3.65 22.98
CA LYS C 58 -33.21 -4.93 22.70
C LYS C 58 -34.57 -4.74 22.05
N PRO C 59 -34.83 -5.48 20.96
CA PRO C 59 -36.09 -5.41 20.21
C PRO C 59 -37.30 -5.81 21.07
N LYS C 60 -38.48 -5.40 20.63
CA LYS C 60 -39.73 -5.73 21.33
C LYS C 60 -40.60 -6.56 20.41
N VAL C 61 -40.57 -7.88 20.54
CA VAL C 61 -41.41 -8.73 19.70
C VAL C 61 -42.79 -8.11 19.57
N ALA C 62 -43.25 -7.96 18.33
CA ALA C 62 -44.55 -7.36 18.05
C ALA C 62 -45.72 -8.12 18.66
N SER C 63 -46.80 -7.38 18.92
CA SER C 63 -48.02 -7.94 19.47
C SER C 63 -48.93 -8.26 18.30
N MET C 64 -49.82 -9.22 18.48
CA MET C 64 -50.76 -9.59 17.43
C MET C 64 -51.47 -8.32 16.97
N GLU C 65 -51.66 -7.39 17.90
CA GLU C 65 -52.32 -6.11 17.64
C GLU C 65 -51.54 -5.28 16.63
N GLU C 66 -50.24 -5.12 16.90
CA GLU C 66 -49.34 -4.34 16.04
C GLU C 66 -49.19 -4.93 14.64
N MET C 67 -49.01 -6.24 14.55
CA MET C 67 -48.86 -6.87 13.25
C MET C 67 -50.16 -6.77 12.44
N ALA C 68 -51.30 -6.75 13.14
CA ALA C 68 -52.59 -6.65 12.47
C ALA C 68 -52.82 -5.24 11.88
N THR C 69 -51.93 -4.30 12.20
CA THR C 69 -52.03 -2.94 11.69
C THR C 69 -51.98 -2.92 10.17
N PHE C 70 -51.46 -3.99 9.59
CA PHE C 70 -51.32 -4.10 8.15
C PHE C 70 -51.73 -5.48 7.68
N HIS C 71 -51.36 -6.49 8.47
CA HIS C 71 -51.66 -7.87 8.15
C HIS C 71 -53.01 -8.33 8.65
N THR C 72 -53.75 -8.98 7.75
CA THR C 72 -55.07 -9.50 8.06
C THR C 72 -54.92 -10.52 9.17
N ASP C 73 -55.92 -10.63 10.04
CA ASP C 73 -55.86 -11.59 11.12
C ASP C 73 -55.85 -12.99 10.53
N ALA C 74 -56.47 -13.13 9.36
CA ALA C 74 -56.54 -14.41 8.68
C ALA C 74 -55.14 -14.93 8.39
N TYR C 75 -54.31 -14.05 7.85
CA TYR C 75 -52.93 -14.36 7.50
C TYR C 75 -52.05 -14.59 8.73
N LEU C 76 -52.21 -13.76 9.75
CA LEU C 76 -51.42 -13.91 10.96
C LEU C 76 -51.74 -15.20 11.71
N GLN C 77 -52.94 -15.72 11.50
CA GLN C 77 -53.34 -16.98 12.14
C GLN C 77 -52.69 -18.10 11.32
N HIS C 78 -52.68 -17.92 10.01
CA HIS C 78 -52.10 -18.90 9.13
C HIS C 78 -50.61 -19.10 9.42
N LEU C 79 -49.88 -18.00 9.61
CA LEU C 79 -48.45 -18.09 9.90
C LEU C 79 -48.23 -18.87 11.18
N GLN C 80 -49.11 -18.66 12.16
CA GLN C 80 -48.99 -19.35 13.43
C GLN C 80 -49.12 -20.85 13.22
N LYS C 81 -49.94 -21.23 12.23
CA LYS C 81 -50.19 -22.63 11.93
C LYS C 81 -49.04 -23.36 11.21
N VAL C 82 -48.58 -22.81 10.09
CA VAL C 82 -47.48 -23.43 9.34
C VAL C 82 -46.24 -23.47 10.24
N SER C 83 -46.19 -22.54 11.19
CA SER C 83 -45.08 -22.44 12.14
C SER C 83 -45.12 -23.52 13.23
N GLN C 84 -46.31 -24.03 13.55
CA GLN C 84 -46.45 -25.06 14.59
C GLN C 84 -45.76 -26.35 14.17
N GLU C 85 -45.63 -26.53 12.86
CA GLU C 85 -44.99 -27.69 12.23
C GLU C 85 -45.28 -27.62 10.75
N TYR C 96 -51.03 -19.51 -0.11
CA TYR C 96 -51.16 -18.32 0.73
C TYR C 96 -49.88 -17.47 0.68
N GLY C 97 -48.99 -17.83 -0.24
CA GLY C 97 -47.74 -17.11 -0.39
C GLY C 97 -46.53 -17.97 -0.10
N LEU C 98 -46.70 -18.96 0.78
CA LEU C 98 -45.62 -19.86 1.14
C LEU C 98 -45.36 -20.83 -0.03
N GLY C 99 -44.09 -20.96 -0.40
CA GLY C 99 -43.73 -21.85 -1.49
C GLY C 99 -42.22 -21.97 -1.64
N TYR C 100 -41.73 -21.74 -2.85
CA TYR C 100 -40.28 -21.83 -3.08
C TYR C 100 -39.59 -20.51 -2.73
N ASP C 101 -40.05 -19.43 -3.37
CA ASP C 101 -39.48 -18.10 -3.15
C ASP C 101 -39.70 -17.59 -1.72
N CYS C 102 -40.45 -18.38 -0.93
CA CYS C 102 -40.75 -18.02 0.45
C CYS C 102 -41.07 -19.33 1.20
N PRO C 103 -40.09 -19.87 1.95
CA PRO C 103 -40.20 -21.12 2.74
C PRO C 103 -41.33 -21.18 3.77
N ALA C 104 -41.56 -22.37 4.31
CA ALA C 104 -42.61 -22.57 5.31
C ALA C 104 -42.15 -23.55 6.41
N THR C 105 -41.08 -23.20 7.11
CA THR C 105 -40.53 -24.04 8.16
C THR C 105 -41.03 -23.61 9.55
N GLU C 106 -40.55 -24.29 10.59
CA GLU C 106 -40.95 -23.95 11.95
C GLU C 106 -40.32 -22.64 12.40
N GLY C 107 -40.87 -22.05 13.45
CA GLY C 107 -40.34 -20.79 13.96
C GLY C 107 -40.70 -19.61 13.06
N ILE C 108 -41.43 -19.87 11.99
CA ILE C 108 -41.85 -18.85 11.04
C ILE C 108 -42.52 -17.63 11.68
N PHE C 109 -43.57 -17.86 12.48
CA PHE C 109 -44.29 -16.77 13.12
C PHE C 109 -43.45 -16.03 14.16
N ASP C 110 -42.84 -16.80 15.06
CA ASP C 110 -42.00 -16.25 16.11
C ASP C 110 -40.88 -15.42 15.47
N TYR C 111 -40.39 -15.91 14.34
CA TYR C 111 -39.35 -15.24 13.56
C TYR C 111 -39.88 -13.88 13.13
N ALA C 112 -40.98 -13.91 12.38
CA ALA C 112 -41.62 -12.69 11.88
C ALA C 112 -41.87 -11.71 13.01
N ALA C 113 -42.56 -12.16 14.05
CA ALA C 113 -42.86 -11.29 15.19
C ALA C 113 -41.61 -10.55 15.68
N ALA C 114 -40.51 -11.28 15.85
CA ALA C 114 -39.27 -10.64 16.31
C ALA C 114 -38.84 -9.49 15.39
N ILE C 115 -38.80 -9.74 14.09
CA ILE C 115 -38.41 -8.72 13.14
C ILE C 115 -39.33 -7.51 13.18
N GLY C 116 -40.61 -7.76 12.92
CA GLY C 116 -41.59 -6.70 12.92
C GLY C 116 -41.51 -5.89 14.19
N GLY C 117 -41.23 -6.61 15.28
CA GLY C 117 -41.11 -5.96 16.56
C GLY C 117 -39.94 -5.00 16.56
N ALA C 118 -38.76 -5.51 16.23
CA ALA C 118 -37.53 -4.72 16.19
C ALA C 118 -37.67 -3.47 15.33
N THR C 119 -38.31 -3.62 14.17
CA THR C 119 -38.51 -2.47 13.30
C THR C 119 -39.44 -1.49 14.01
N ILE C 120 -40.51 -2.01 14.61
CA ILE C 120 -41.46 -1.17 15.31
C ILE C 120 -40.77 -0.36 16.40
N THR C 121 -40.02 -1.05 17.26
CA THR C 121 -39.34 -0.34 18.33
C THR C 121 -38.34 0.68 17.77
N ALA C 122 -37.80 0.40 16.59
CA ALA C 122 -36.86 1.32 15.96
C ALA C 122 -37.58 2.62 15.61
N ALA C 123 -38.82 2.49 15.14
CA ALA C 123 -39.64 3.64 14.78
C ALA C 123 -39.98 4.44 16.04
N GLN C 124 -40.26 3.72 17.12
CA GLN C 124 -40.57 4.36 18.41
C GLN C 124 -39.40 5.25 18.82
N CYS C 125 -38.19 4.70 18.73
CA CYS C 125 -37.00 5.46 19.08
C CYS C 125 -36.95 6.76 18.30
N LEU C 126 -37.26 6.71 17.02
CA LEU C 126 -37.25 7.91 16.17
C LEU C 126 -38.36 8.89 16.58
N ILE C 127 -39.50 8.35 17.00
CA ILE C 127 -40.63 9.18 17.42
C ILE C 127 -40.32 9.87 18.75
N ASP C 128 -39.76 9.11 19.70
CA ASP C 128 -39.43 9.62 21.02
C ASP C 128 -38.29 10.65 21.03
N GLY C 129 -37.68 10.90 19.87
CA GLY C 129 -36.59 11.86 19.83
C GLY C 129 -35.28 11.29 20.36
N MET C 130 -35.32 10.01 20.73
CA MET C 130 -34.17 9.28 21.27
C MET C 130 -32.93 9.33 20.36
N CYS C 131 -33.15 9.50 19.06
CA CYS C 131 -32.07 9.53 18.07
C CYS C 131 -32.49 10.19 16.75
N LYS C 132 -31.62 10.11 15.75
CA LYS C 132 -31.89 10.68 14.42
C LYS C 132 -31.88 9.53 13.41
N VAL C 133 -31.26 8.42 13.80
CA VAL C 133 -31.14 7.23 12.96
C VAL C 133 -31.28 5.95 13.77
N ALA C 134 -32.16 5.05 13.32
CA ALA C 134 -32.38 3.78 14.00
C ALA C 134 -32.04 2.65 13.03
N ILE C 135 -31.29 1.65 13.50
CA ILE C 135 -30.86 0.55 12.65
C ILE C 135 -31.34 -0.86 13.02
N ASN C 136 -31.85 -1.57 12.01
CA ASN C 136 -32.32 -2.94 12.17
C ASN C 136 -31.94 -3.69 10.90
N TRP C 137 -30.69 -4.14 10.83
CA TRP C 137 -30.16 -4.85 9.67
C TRP C 137 -30.97 -6.10 9.31
N SER C 138 -31.58 -6.72 10.31
CA SER C 138 -32.36 -7.91 10.04
C SER C 138 -33.72 -7.59 9.45
N GLY C 139 -34.08 -6.30 9.40
CA GLY C 139 -35.36 -5.91 8.84
C GLY C 139 -35.29 -5.71 7.34
N GLY C 140 -36.24 -4.95 6.80
CA GLY C 140 -36.24 -4.68 5.37
C GLY C 140 -36.87 -5.70 4.44
N TRP C 141 -37.77 -6.53 4.94
CA TRP C 141 -38.41 -7.52 4.09
C TRP C 141 -39.63 -6.92 3.39
N HIS C 142 -39.32 -6.13 2.36
CA HIS C 142 -40.26 -5.37 1.55
C HIS C 142 -41.18 -6.07 0.54
N HIS C 143 -41.38 -7.37 0.67
CA HIS C 143 -42.24 -8.04 -0.29
C HIS C 143 -43.60 -8.48 0.24
N ALA C 144 -43.67 -8.73 1.55
CA ALA C 144 -44.90 -9.18 2.17
C ALA C 144 -46.07 -8.28 1.81
N LYS C 145 -47.26 -8.88 1.80
CA LYS C 145 -48.50 -8.16 1.51
C LYS C 145 -49.40 -8.30 2.73
N LYS C 146 -50.51 -7.57 2.74
CA LYS C 146 -51.44 -7.61 3.85
C LYS C 146 -51.71 -9.05 4.32
N ASP C 147 -52.03 -9.94 3.38
CA ASP C 147 -52.32 -11.32 3.73
C ASP C 147 -51.59 -12.33 2.86
N GLU C 148 -50.35 -12.02 2.47
CA GLU C 148 -49.60 -12.94 1.63
C GLU C 148 -48.08 -12.82 1.78
N ALA C 149 -47.40 -13.96 1.68
CA ALA C 149 -45.95 -14.00 1.78
C ALA C 149 -45.35 -13.82 0.39
N SER C 150 -44.12 -13.35 0.32
CA SER C 150 -43.47 -13.15 -0.97
C SER C 150 -41.97 -12.92 -0.79
N GLY C 151 -41.19 -13.52 -1.70
CA GLY C 151 -39.74 -13.38 -1.68
C GLY C 151 -39.06 -13.40 -0.32
N PHE C 152 -39.32 -14.45 0.45
CA PHE C 152 -38.74 -14.62 1.78
C PHE C 152 -39.28 -13.66 2.84
N CYS C 153 -40.38 -12.99 2.53
CA CYS C 153 -40.95 -12.04 3.47
C CYS C 153 -42.28 -12.55 4.04
N TYR C 154 -42.29 -12.88 5.33
CA TYR C 154 -43.48 -13.38 6.00
C TYR C 154 -44.26 -12.22 6.58
N LEU C 155 -43.52 -11.21 7.01
CA LEU C 155 -44.11 -10.03 7.61
C LEU C 155 -43.37 -8.81 7.07
N ASN C 156 -44.07 -7.93 6.37
CA ASN C 156 -43.44 -6.72 5.84
C ASN C 156 -43.23 -5.74 6.99
N ASP C 157 -42.03 -5.73 7.56
CA ASP C 157 -41.75 -4.84 8.67
C ASP C 157 -41.63 -3.38 8.24
N ALA C 158 -41.10 -3.17 7.03
CA ALA C 158 -40.95 -1.80 6.52
C ALA C 158 -42.27 -1.07 6.69
N VAL C 159 -43.35 -1.69 6.25
CA VAL C 159 -44.68 -1.11 6.36
C VAL C 159 -45.04 -0.83 7.82
N LEU C 160 -44.80 -1.82 8.69
CA LEU C 160 -45.10 -1.66 10.10
C LEU C 160 -44.33 -0.49 10.72
N GLY C 161 -43.03 -0.43 10.47
CA GLY C 161 -42.24 0.66 11.00
C GLY C 161 -42.75 2.00 10.51
N ILE C 162 -43.14 2.06 9.25
CA ILE C 162 -43.65 3.30 8.67
C ILE C 162 -44.94 3.72 9.35
N LEU C 163 -45.91 2.81 9.42
CA LEU C 163 -47.19 3.09 10.04
C LEU C 163 -47.00 3.60 11.45
N ARG C 164 -45.92 3.14 12.09
CA ARG C 164 -45.62 3.57 13.45
C ARG C 164 -45.11 4.99 13.48
N LEU C 165 -44.24 5.33 12.54
CA LEU C 165 -43.71 6.68 12.47
C LEU C 165 -44.84 7.68 12.26
N ARG C 166 -45.72 7.38 11.31
CA ARG C 166 -46.85 8.26 10.97
C ARG C 166 -47.62 8.86 12.14
N ARG C 167 -47.53 8.23 13.31
CA ARG C 167 -48.21 8.75 14.49
C ARG C 167 -47.66 10.14 14.78
N LYS C 168 -46.44 10.39 14.35
CA LYS C 168 -45.78 11.68 14.54
C LYS C 168 -45.47 12.41 13.23
N PHE C 169 -44.72 11.74 12.36
CA PHE C 169 -44.33 12.33 11.09
C PHE C 169 -45.43 12.28 10.03
N GLU C 170 -45.78 13.46 9.54
CA GLU C 170 -46.85 13.65 8.56
C GLU C 170 -46.60 12.90 7.27
N ARG C 171 -45.44 13.13 6.67
CA ARG C 171 -45.09 12.47 5.43
C ARG C 171 -43.83 11.64 5.60
N ILE C 172 -43.93 10.37 5.23
CA ILE C 172 -42.82 9.44 5.34
C ILE C 172 -42.28 9.12 3.93
N LEU C 173 -40.96 9.15 3.80
CA LEU C 173 -40.34 8.83 2.51
C LEU C 173 -39.63 7.49 2.60
N TYR C 174 -40.05 6.54 1.77
CA TYR C 174 -39.43 5.22 1.75
C TYR C 174 -38.48 5.10 0.55
N VAL C 175 -37.21 4.80 0.84
CA VAL C 175 -36.20 4.63 -0.21
C VAL C 175 -35.70 3.19 -0.18
N ASP C 176 -35.89 2.49 -1.29
CA ASP C 176 -35.52 1.08 -1.41
C ASP C 176 -34.37 0.85 -2.40
N LEU C 177 -33.17 0.62 -1.90
CA LEU C 177 -32.02 0.40 -2.79
C LEU C 177 -31.70 -1.07 -3.05
N ASP C 178 -32.51 -1.97 -2.50
CA ASP C 178 -32.33 -3.40 -2.71
C ASP C 178 -32.31 -3.64 -4.22
N LEU C 179 -31.82 -4.80 -4.65
CA LEU C 179 -31.78 -5.09 -6.08
C LEU C 179 -33.21 -5.26 -6.62
N HIS C 180 -34.11 -5.75 -5.77
CA HIS C 180 -35.49 -5.99 -6.15
C HIS C 180 -36.43 -4.83 -5.84
N HIS C 181 -37.55 -4.81 -6.55
CA HIS C 181 -38.59 -3.79 -6.39
C HIS C 181 -39.32 -4.01 -5.07
N GLY C 182 -39.38 -2.98 -4.24
CA GLY C 182 -40.11 -3.12 -2.99
C GLY C 182 -41.59 -3.02 -3.29
N ASP C 183 -42.18 -4.07 -3.84
CA ASP C 183 -43.59 -4.07 -4.20
C ASP C 183 -44.53 -4.09 -2.99
N GLY C 184 -44.13 -4.81 -1.94
CA GLY C 184 -44.96 -4.88 -0.75
C GLY C 184 -45.19 -3.51 -0.13
N VAL C 185 -44.13 -2.73 -0.02
CA VAL C 185 -44.25 -1.39 0.56
C VAL C 185 -44.93 -0.45 -0.43
N GLU C 186 -44.54 -0.53 -1.69
CA GLU C 186 -45.13 0.34 -2.68
C GLU C 186 -46.64 0.16 -2.76
N ASP C 187 -47.10 -1.08 -2.74
CA ASP C 187 -48.53 -1.36 -2.82
C ASP C 187 -49.31 -0.94 -1.58
N ALA C 188 -48.71 -1.09 -0.41
CA ALA C 188 -49.36 -0.71 0.83
C ALA C 188 -49.54 0.80 0.96
N PHE C 189 -48.93 1.56 0.06
CA PHE C 189 -49.02 3.01 0.08
C PHE C 189 -49.19 3.61 -1.29
N SER C 190 -49.64 2.77 -2.22
CA SER C 190 -49.85 3.21 -3.59
C SER C 190 -51.00 4.19 -3.71
N PHE C 191 -52.04 4.00 -2.91
CA PHE C 191 -53.21 4.88 -2.99
C PHE C 191 -53.16 6.12 -2.09
N THR C 192 -52.13 6.24 -1.26
CA THR C 192 -52.01 7.40 -0.39
C THR C 192 -50.94 8.35 -0.91
N SER C 193 -50.86 9.55 -0.33
CA SER C 193 -49.85 10.52 -0.73
C SER C 193 -49.07 10.99 0.49
N LYS C 194 -49.36 10.37 1.63
CA LYS C 194 -48.71 10.69 2.91
C LYS C 194 -47.36 9.96 2.99
N VAL C 195 -47.21 8.92 2.19
CA VAL C 195 -45.99 8.13 2.16
C VAL C 195 -45.53 7.96 0.71
N MET C 196 -44.38 8.52 0.38
CA MET C 196 -43.85 8.36 -0.96
C MET C 196 -42.78 7.28 -0.98
N THR C 197 -42.91 6.37 -1.93
CA THR C 197 -41.95 5.28 -2.06
C THR C 197 -41.09 5.48 -3.32
N VAL C 198 -39.77 5.51 -3.13
CA VAL C 198 -38.83 5.64 -4.25
C VAL C 198 -37.97 4.39 -4.27
N SER C 199 -37.85 3.77 -5.44
CA SER C 199 -37.06 2.54 -5.55
C SER C 199 -36.21 2.35 -6.81
N LEU C 200 -34.92 2.13 -6.60
CA LEU C 200 -33.97 1.86 -7.69
C LEU C 200 -33.86 0.33 -7.66
N HIS C 201 -33.95 -0.31 -8.82
CA HIS C 201 -33.88 -1.77 -8.84
C HIS C 201 -33.84 -2.36 -10.25
N LYS C 202 -33.47 -3.64 -10.32
CA LYS C 202 -33.40 -4.32 -11.61
C LYS C 202 -34.80 -4.64 -12.11
N PHE C 203 -35.11 -4.18 -13.32
CA PHE C 203 -36.40 -4.44 -13.92
C PHE C 203 -36.23 -5.01 -15.31
N SER C 204 -36.50 -6.30 -15.44
CA SER C 204 -36.38 -6.97 -16.73
C SER C 204 -37.26 -8.21 -16.72
N PRO C 205 -37.81 -8.57 -17.89
CA PRO C 205 -38.70 -9.73 -18.04
C PRO C 205 -38.23 -11.01 -17.35
N GLY C 206 -39.09 -11.54 -16.49
CA GLY C 206 -38.78 -12.77 -15.77
C GLY C 206 -38.04 -12.54 -14.46
N PHE C 207 -37.60 -11.31 -14.23
CA PHE C 207 -36.87 -10.97 -13.00
C PHE C 207 -37.81 -10.48 -11.89
N PHE C 208 -37.84 -11.26 -10.81
CA PHE C 208 -38.66 -10.99 -9.63
C PHE C 208 -38.47 -9.56 -9.13
N PRO C 209 -39.55 -8.95 -8.62
CA PRO C 209 -40.89 -9.52 -8.50
C PRO C 209 -41.68 -9.44 -9.81
N GLY C 210 -41.09 -8.76 -10.80
CA GLY C 210 -41.75 -8.61 -12.08
C GLY C 210 -42.20 -7.19 -12.27
N THR C 211 -42.80 -6.62 -11.23
CA THR C 211 -43.30 -5.25 -11.26
C THR C 211 -42.20 -4.22 -11.06
N GLY C 212 -42.58 -2.94 -11.04
CA GLY C 212 -41.60 -1.90 -10.84
C GLY C 212 -41.19 -1.06 -12.04
N ASP C 213 -41.95 -1.12 -13.12
CA ASP C 213 -41.60 -0.32 -14.31
C ASP C 213 -41.74 1.16 -13.98
N VAL C 214 -40.96 2.01 -14.67
CA VAL C 214 -40.99 3.45 -14.43
C VAL C 214 -42.38 4.08 -14.63
N SER C 215 -43.20 3.43 -15.46
CA SER C 215 -44.56 3.90 -15.73
C SER C 215 -45.40 3.81 -14.45
N ASP C 216 -45.03 2.87 -13.59
CA ASP C 216 -45.71 2.67 -12.31
C ASP C 216 -45.48 3.93 -11.48
N VAL C 217 -46.55 4.55 -11.02
CA VAL C 217 -46.43 5.80 -10.26
C VAL C 217 -47.38 5.89 -9.07
N GLY C 218 -48.39 5.02 -9.05
CA GLY C 218 -49.35 5.05 -7.97
C GLY C 218 -50.79 5.11 -8.47
N LEU C 219 -51.73 5.12 -7.55
CA LEU C 219 -53.13 5.15 -7.92
C LEU C 219 -53.92 6.08 -6.99
N GLY C 220 -55.14 6.41 -7.40
CA GLY C 220 -55.97 7.30 -6.61
C GLY C 220 -55.24 8.56 -6.17
N LYS C 221 -55.45 8.96 -4.92
CA LYS C 221 -54.80 10.15 -4.39
C LYS C 221 -53.30 9.94 -4.23
N GLY C 222 -52.86 8.72 -4.48
CA GLY C 222 -51.45 8.40 -4.37
C GLY C 222 -50.70 8.38 -5.69
N ARG C 223 -51.37 8.79 -6.76
CA ARG C 223 -50.74 8.82 -8.06
C ARG C 223 -49.59 9.81 -8.05
N TYR C 224 -48.48 9.43 -8.68
CA TYR C 224 -47.27 10.23 -8.77
C TYR C 224 -46.50 10.27 -7.43
N TYR C 225 -46.87 9.37 -6.52
CA TYR C 225 -46.20 9.27 -5.22
C TYR C 225 -45.42 7.97 -5.09
N SER C 226 -45.23 7.31 -6.23
CA SER C 226 -44.47 6.07 -6.33
C SER C 226 -43.50 6.31 -7.47
N VAL C 227 -42.21 6.25 -7.17
CA VAL C 227 -41.20 6.44 -8.21
C VAL C 227 -40.34 5.20 -8.36
N ASN C 228 -40.56 4.50 -9.46
CA ASN C 228 -39.82 3.30 -9.79
C ASN C 228 -38.76 3.67 -10.83
N VAL C 229 -37.51 3.29 -10.55
CA VAL C 229 -36.38 3.54 -11.44
C VAL C 229 -35.79 2.20 -11.86
N PRO C 230 -36.21 1.68 -13.03
CA PRO C 230 -35.72 0.39 -13.54
C PRO C 230 -34.29 0.45 -14.07
N ILE C 231 -33.40 -0.29 -13.41
CA ILE C 231 -32.00 -0.33 -13.79
C ILE C 231 -31.64 -1.77 -14.15
N GLN C 232 -30.71 -1.92 -15.09
CA GLN C 232 -30.38 -3.24 -15.62
C GLN C 232 -28.93 -3.60 -15.34
N ASP C 233 -28.57 -4.85 -15.65
CA ASP C 233 -27.35 -5.43 -15.12
C ASP C 233 -26.15 -4.51 -15.35
N GLY C 234 -25.24 -4.47 -14.39
CA GLY C 234 -23.87 -4.06 -14.64
C GLY C 234 -23.57 -2.68 -14.12
N ILE C 235 -24.52 -2.09 -13.40
CA ILE C 235 -24.36 -0.74 -12.86
C ILE C 235 -23.20 -0.71 -11.84
N GLN C 236 -22.51 0.43 -11.75
CA GLN C 236 -21.40 0.60 -10.82
C GLN C 236 -21.54 1.86 -9.97
N ASP C 237 -21.02 1.80 -8.75
CA ASP C 237 -21.16 2.92 -7.81
C ASP C 237 -21.31 4.23 -8.55
N GLU C 238 -20.29 4.62 -9.29
CA GLU C 238 -20.22 5.94 -9.89
C GLU C 238 -21.53 6.31 -10.56
N LYS C 239 -21.97 5.48 -11.49
CA LYS C 239 -23.21 5.73 -12.24
C LYS C 239 -24.42 5.69 -11.31
N TYR C 240 -24.47 4.67 -10.45
CA TYR C 240 -25.60 4.49 -9.55
C TYR C 240 -25.86 5.75 -8.72
N TYR C 241 -24.82 6.26 -8.07
CA TYR C 241 -24.97 7.45 -7.25
C TYR C 241 -25.52 8.63 -8.04
N GLN C 242 -25.05 8.82 -9.27
CA GLN C 242 -25.55 9.91 -10.10
C GLN C 242 -27.06 9.77 -10.24
N ILE C 243 -27.49 8.59 -10.67
CA ILE C 243 -28.90 8.30 -10.84
C ILE C 243 -29.66 8.55 -9.53
N CYS C 244 -29.09 8.03 -8.44
CA CYS C 244 -29.69 8.16 -7.12
C CYS C 244 -29.73 9.59 -6.61
N GLU C 245 -28.62 10.31 -6.71
CA GLU C 245 -28.60 11.69 -6.25
C GLU C 245 -29.61 12.49 -7.04
N SER C 246 -29.75 12.11 -8.31
CA SER C 246 -30.67 12.78 -9.22
C SER C 246 -32.08 12.60 -8.68
N VAL C 247 -32.55 11.36 -8.68
CA VAL C 247 -33.90 11.04 -8.19
C VAL C 247 -34.18 11.55 -6.77
N LEU C 248 -33.28 11.29 -5.83
CA LEU C 248 -33.49 11.73 -4.46
C LEU C 248 -33.45 13.24 -4.25
N LYS C 249 -32.85 13.97 -5.18
CA LYS C 249 -32.76 15.42 -5.06
C LYS C 249 -34.10 16.08 -5.34
N GLU C 250 -34.77 15.62 -6.39
CA GLU C 250 -36.07 16.18 -6.76
C GLU C 250 -37.20 15.63 -5.91
N VAL C 251 -37.04 14.41 -5.41
CA VAL C 251 -38.06 13.81 -4.56
C VAL C 251 -38.12 14.60 -3.25
N TYR C 252 -36.95 14.96 -2.72
CA TYR C 252 -36.87 15.71 -1.48
C TYR C 252 -37.57 17.07 -1.58
N GLN C 253 -37.56 17.68 -2.77
CA GLN C 253 -38.17 18.99 -2.98
C GLN C 253 -39.69 18.95 -3.13
N ALA C 254 -40.16 18.28 -4.17
CA ALA C 254 -41.59 18.19 -4.44
C ALA C 254 -42.39 17.51 -3.32
N PHE C 255 -41.74 16.63 -2.56
CA PHE C 255 -42.41 15.91 -1.47
C PHE C 255 -42.05 16.44 -0.07
N ASN C 256 -40.81 16.89 0.08
CA ASN C 256 -40.31 17.42 1.35
C ASN C 256 -40.76 16.57 2.55
N PRO C 257 -40.13 15.42 2.75
CA PRO C 257 -40.47 14.52 3.86
C PRO C 257 -39.98 15.02 5.22
N LYS C 258 -40.49 14.39 6.27
CA LYS C 258 -40.13 14.70 7.65
C LYS C 258 -39.40 13.51 8.25
N ALA C 259 -39.64 12.35 7.66
CA ALA C 259 -39.01 11.12 8.12
C ALA C 259 -38.62 10.26 6.92
N VAL C 260 -37.69 9.35 7.12
CA VAL C 260 -37.21 8.49 6.03
C VAL C 260 -36.94 7.04 6.45
N VAL C 261 -37.49 6.10 5.68
CA VAL C 261 -37.27 4.69 5.95
C VAL C 261 -36.39 4.20 4.79
N LEU C 262 -35.16 3.83 5.11
CA LEU C 262 -34.21 3.38 4.09
C LEU C 262 -33.88 1.90 4.08
N GLN C 263 -34.23 1.21 2.99
CA GLN C 263 -33.94 -0.21 2.85
C GLN C 263 -32.65 -0.33 2.07
N LEU C 264 -31.64 -0.97 2.67
CA LEU C 264 -30.34 -1.12 2.02
C LEU C 264 -29.97 -2.56 1.72
N GLY C 265 -30.74 -3.21 0.85
CA GLY C 265 -30.44 -4.58 0.48
C GLY C 265 -29.01 -4.65 -0.03
N ALA C 266 -28.29 -5.69 0.38
CA ALA C 266 -26.90 -5.86 -0.03
C ALA C 266 -26.79 -6.76 -1.24
N ASP C 267 -27.93 -7.23 -1.75
CA ASP C 267 -27.93 -8.09 -2.92
C ASP C 267 -27.67 -7.36 -4.25
N THR C 268 -27.17 -6.14 -4.18
CA THR C 268 -26.86 -5.36 -5.38
C THR C 268 -25.32 -5.26 -5.51
N ILE C 269 -24.63 -5.86 -4.55
CA ILE C 269 -23.18 -5.80 -4.50
C ILE C 269 -22.46 -6.83 -5.37
N ALA C 270 -21.40 -6.38 -6.04
CA ALA C 270 -20.60 -7.23 -6.91
C ALA C 270 -20.28 -8.56 -6.23
N GLY C 271 -20.60 -9.66 -6.90
CA GLY C 271 -20.31 -10.95 -6.33
C GLY C 271 -21.49 -11.61 -5.63
N ASP C 272 -22.68 -11.06 -5.85
CA ASP C 272 -23.87 -11.64 -5.22
C ASP C 272 -24.47 -12.67 -6.16
N PRO C 273 -24.95 -13.79 -5.61
CA PRO C 273 -25.55 -14.84 -6.43
C PRO C 273 -26.41 -14.25 -7.54
N MET C 274 -27.31 -13.32 -7.17
CA MET C 274 -28.19 -12.64 -8.13
C MET C 274 -27.38 -12.20 -9.34
N CYS C 275 -26.14 -11.78 -9.08
CA CYS C 275 -25.24 -11.36 -10.14
C CYS C 275 -25.88 -10.39 -11.14
N SER C 276 -26.52 -9.33 -10.65
CA SER C 276 -27.15 -8.36 -11.54
C SER C 276 -26.42 -7.03 -11.56
N PHE C 277 -26.40 -6.34 -10.44
CA PHE C 277 -25.72 -5.05 -10.34
C PHE C 277 -24.26 -5.30 -10.01
N ASN C 278 -23.44 -4.26 -10.08
CA ASN C 278 -22.03 -4.39 -9.79
C ASN C 278 -21.57 -3.26 -8.87
N MET C 279 -22.20 -3.18 -7.69
CA MET C 279 -21.91 -2.12 -6.73
C MET C 279 -20.95 -2.55 -5.64
N THR C 280 -20.47 -1.57 -4.89
CA THR C 280 -19.60 -1.82 -3.74
C THR C 280 -20.21 -1.04 -2.58
N PRO C 281 -19.95 -1.49 -1.34
CA PRO C 281 -20.53 -0.76 -0.21
C PRO C 281 -20.28 0.75 -0.27
N VAL C 282 -19.17 1.14 -0.90
CA VAL C 282 -18.83 2.55 -1.00
C VAL C 282 -19.88 3.35 -1.74
N GLY C 283 -20.34 2.83 -2.87
CA GLY C 283 -21.36 3.53 -3.66
C GLY C 283 -22.70 3.64 -2.93
N ILE C 284 -23.13 2.55 -2.29
CA ILE C 284 -24.38 2.55 -1.54
C ILE C 284 -24.23 3.57 -0.43
N GLY C 285 -23.00 3.73 0.05
CA GLY C 285 -22.70 4.68 1.10
C GLY C 285 -22.84 6.12 0.67
N LYS C 286 -22.47 6.40 -0.58
CA LYS C 286 -22.60 7.77 -1.06
C LYS C 286 -24.09 8.11 -1.12
N CYS C 287 -24.89 7.10 -1.45
CA CYS C 287 -26.34 7.28 -1.50
C CYS C 287 -26.81 7.49 -0.06
N LEU C 288 -26.22 6.71 0.86
CA LEU C 288 -26.58 6.80 2.27
C LEU C 288 -26.27 8.17 2.86
N LYS C 289 -25.09 8.69 2.56
CA LYS C 289 -24.67 10.00 3.06
C LYS C 289 -25.58 11.11 2.58
N TYR C 290 -25.95 11.05 1.30
CA TYR C 290 -26.82 12.07 0.71
C TYR C 290 -28.14 12.14 1.48
N ILE C 291 -28.62 10.99 1.94
CA ILE C 291 -29.87 10.92 2.68
C ILE C 291 -29.65 11.36 4.13
N LEU C 292 -28.58 10.88 4.75
CA LEU C 292 -28.27 11.26 6.12
C LEU C 292 -28.05 12.77 6.17
N GLN C 293 -27.71 13.33 5.01
CA GLN C 293 -27.46 14.76 4.88
C GLN C 293 -28.73 15.58 5.11
N TRP C 294 -29.88 14.98 4.84
CA TRP C 294 -31.14 15.67 5.04
C TRP C 294 -31.39 15.97 6.52
N GLN C 295 -30.78 15.16 7.38
CA GLN C 295 -30.88 15.32 8.83
C GLN C 295 -32.26 14.94 9.40
N LEU C 296 -33.08 14.28 8.58
CA LEU C 296 -34.42 13.86 9.01
C LEU C 296 -34.34 12.58 9.83
N ALA C 297 -35.47 12.19 10.41
CA ALA C 297 -35.53 10.95 11.20
C ALA C 297 -35.37 9.82 10.21
N THR C 298 -34.41 8.94 10.44
CA THR C 298 -34.18 7.84 9.51
C THR C 298 -34.07 6.44 10.11
N LEU C 299 -34.87 5.51 9.55
CA LEU C 299 -34.89 4.12 9.98
C LEU C 299 -34.13 3.31 8.92
N ILE C 300 -33.00 2.72 9.31
CA ILE C 300 -32.20 1.92 8.39
C ILE C 300 -32.58 0.44 8.47
N LEU C 301 -32.87 -0.14 7.32
CA LEU C 301 -33.29 -1.54 7.26
C LEU C 301 -32.34 -2.36 6.40
N GLY C 302 -32.28 -3.66 6.67
CA GLY C 302 -31.48 -4.57 5.87
C GLY C 302 -32.14 -4.93 4.56
N GLY C 303 -32.45 -6.21 4.38
CA GLY C 303 -33.13 -6.68 3.19
C GLY C 303 -32.44 -7.86 2.55
N GLY C 304 -32.53 -7.94 1.22
CA GLY C 304 -31.81 -8.95 0.47
C GLY C 304 -30.31 -8.88 0.68
N GLY C 305 -29.63 -10.01 0.51
CA GLY C 305 -28.20 -10.08 0.69
C GLY C 305 -27.72 -11.49 0.97
N TYR C 306 -27.05 -12.09 -0.01
CA TYR C 306 -27.10 -13.53 -0.20
C TYR C 306 -25.70 -14.11 -0.38
N ASN C 307 -24.73 -13.24 -0.64
CA ASN C 307 -23.32 -13.60 -0.51
C ASN C 307 -23.09 -13.11 0.91
N LEU C 308 -23.34 -14.00 1.87
CA LEU C 308 -23.23 -13.67 3.28
C LEU C 308 -22.08 -12.78 3.73
N ALA C 309 -20.85 -13.23 3.54
CA ALA C 309 -19.68 -12.43 3.94
C ALA C 309 -19.76 -11.02 3.37
N ASN C 310 -20.11 -10.91 2.10
CA ASN C 310 -20.21 -9.62 1.45
C ASN C 310 -21.30 -8.73 2.03
N THR C 311 -22.43 -9.34 2.40
CA THR C 311 -23.54 -8.58 2.98
C THR C 311 -23.04 -8.02 4.29
N ALA C 312 -22.30 -8.84 5.03
CA ALA C 312 -21.74 -8.42 6.31
C ALA C 312 -20.69 -7.33 6.05
N ARG C 313 -19.86 -7.50 5.02
CA ARG C 313 -18.85 -6.49 4.73
C ARG C 313 -19.56 -5.20 4.44
N CYS C 314 -20.68 -5.31 3.73
CA CYS C 314 -21.45 -4.14 3.33
C CYS C 314 -22.18 -3.40 4.43
N TRP C 315 -22.89 -4.12 5.28
CA TRP C 315 -23.63 -3.45 6.33
C TRP C 315 -22.81 -2.85 7.45
N THR C 316 -21.67 -3.45 7.80
CA THR C 316 -20.89 -2.84 8.87
C THR C 316 -20.26 -1.59 8.29
N TYR C 317 -19.78 -1.70 7.05
CA TYR C 317 -19.17 -0.56 6.38
C TYR C 317 -20.17 0.59 6.41
N LEU C 318 -21.42 0.29 6.01
CA LEU C 318 -22.45 1.32 6.00
C LEU C 318 -22.73 1.83 7.42
N THR C 319 -22.56 0.95 8.40
CA THR C 319 -22.74 1.34 9.78
C THR C 319 -21.69 2.41 10.05
N GLY C 320 -20.44 2.08 9.72
CA GLY C 320 -19.35 3.02 9.89
C GLY C 320 -19.64 4.33 9.16
N VAL C 321 -20.33 4.22 8.04
CA VAL C 321 -20.70 5.42 7.28
C VAL C 321 -21.66 6.25 8.12
N ILE C 322 -22.53 5.58 8.87
CA ILE C 322 -23.49 6.27 9.73
C ILE C 322 -22.76 6.87 10.93
N LEU C 323 -21.87 6.10 11.54
CA LEU C 323 -21.11 6.62 12.67
C LEU C 323 -20.16 7.73 12.20
N GLY C 324 -20.03 7.88 10.89
CA GLY C 324 -19.14 8.90 10.34
C GLY C 324 -17.68 8.51 10.50
N LYS C 325 -17.42 7.20 10.57
CA LYS C 325 -16.06 6.71 10.72
C LYS C 325 -15.64 5.74 9.63
N THR C 326 -14.33 5.70 9.38
CA THR C 326 -13.77 4.84 8.36
C THR C 326 -13.15 3.62 9.02
N LEU C 327 -13.59 2.43 8.59
CA LEU C 327 -13.10 1.16 9.14
C LEU C 327 -11.78 0.78 8.49
N SER C 328 -11.03 -0.11 9.12
CA SER C 328 -9.76 -0.52 8.56
C SER C 328 -9.96 -1.58 7.48
N SER C 329 -9.17 -1.47 6.43
CA SER C 329 -9.20 -2.38 5.30
C SER C 329 -9.12 -3.85 5.70
N GLU C 330 -8.42 -4.13 6.80
CA GLU C 330 -8.27 -5.50 7.24
C GLU C 330 -9.39 -5.99 8.15
N ILE C 331 -9.94 -7.15 7.81
CA ILE C 331 -11.01 -7.76 8.59
C ILE C 331 -10.47 -8.14 9.95
N PRO C 332 -10.99 -7.51 11.03
CA PRO C 332 -10.50 -7.85 12.36
C PRO C 332 -10.91 -9.28 12.70
N ASP C 333 -10.09 -9.97 13.48
CA ASP C 333 -10.38 -11.34 13.85
C ASP C 333 -11.66 -11.46 14.68
N HIS C 334 -12.47 -12.45 14.35
CA HIS C 334 -13.72 -12.68 15.06
C HIS C 334 -14.29 -14.07 14.75
N GLU C 335 -15.36 -14.41 15.46
CA GLU C 335 -16.05 -15.70 15.32
C GLU C 335 -16.17 -16.27 13.90
N PHE C 336 -16.49 -15.42 12.93
CA PHE C 336 -16.65 -15.90 11.55
C PHE C 336 -15.50 -15.52 10.61
N PHE C 337 -14.38 -15.13 11.19
CA PHE C 337 -13.20 -14.74 10.43
C PHE C 337 -12.93 -15.68 9.25
N THR C 338 -12.85 -16.98 9.55
CA THR C 338 -12.57 -18.01 8.57
C THR C 338 -13.50 -18.02 7.37
N ALA C 339 -14.53 -17.18 7.40
CA ALA C 339 -15.50 -17.13 6.31
C ALA C 339 -15.37 -15.94 5.36
N TYR C 340 -14.47 -15.02 5.67
CA TYR C 340 -14.33 -13.80 4.90
C TYR C 340 -13.27 -13.94 3.81
N GLY C 341 -13.68 -14.49 2.67
CA GLY C 341 -12.87 -14.42 1.47
C GLY C 341 -11.58 -15.20 1.59
N PRO C 342 -10.81 -15.24 0.51
CA PRO C 342 -9.41 -15.67 0.57
C PRO C 342 -8.47 -14.49 0.80
N ASP C 343 -9.03 -13.32 1.03
CA ASP C 343 -8.24 -12.09 1.11
C ASP C 343 -8.54 -11.33 2.40
N TYR C 344 -9.63 -11.68 3.05
CA TYR C 344 -9.90 -11.20 4.41
C TYR C 344 -9.80 -9.68 4.48
N VAL C 345 -10.44 -8.99 3.54
CA VAL C 345 -10.48 -7.54 3.53
C VAL C 345 -11.94 -7.06 3.46
N LEU C 346 -12.17 -5.80 3.81
CA LEU C 346 -13.51 -5.25 3.81
C LEU C 346 -13.94 -4.79 2.42
N GLU C 347 -13.10 -4.01 1.74
CA GLU C 347 -13.44 -3.51 0.41
C GLU C 347 -13.90 -4.63 -0.49
N ILE C 348 -14.76 -4.32 -1.44
CA ILE C 348 -15.26 -5.31 -2.38
C ILE C 348 -14.81 -4.88 -3.78
N THR C 349 -14.54 -5.83 -4.65
CA THR C 349 -14.08 -5.49 -5.99
C THR C 349 -15.15 -5.72 -7.04
N PRO C 350 -15.47 -4.68 -7.81
CA PRO C 350 -16.50 -4.88 -8.84
C PRO C 350 -16.00 -5.90 -9.87
N SER C 351 -16.84 -6.88 -10.19
CA SER C 351 -16.48 -7.90 -11.17
C SER C 351 -16.30 -7.25 -12.55
N CYS C 352 -15.77 -7.99 -13.51
CA CYS C 352 -15.58 -7.44 -14.85
C CYS C 352 -16.77 -7.76 -15.74
N ARG C 353 -17.77 -6.90 -15.70
CA ARG C 353 -18.99 -7.03 -16.49
C ARG C 353 -19.28 -5.66 -17.10
N PRO C 354 -19.97 -5.62 -18.24
CA PRO C 354 -20.27 -4.33 -18.84
C PRO C 354 -21.46 -3.62 -18.17
N ASP C 355 -21.51 -2.30 -18.29
CA ASP C 355 -22.61 -1.52 -17.75
C ASP C 355 -23.76 -1.44 -18.73
N ARG C 356 -24.68 -2.40 -18.64
CA ARG C 356 -25.59 -2.70 -19.74
C ARG C 356 -26.76 -1.73 -19.78
N ASN C 357 -26.44 -0.43 -19.76
CA ASN C 357 -27.45 0.61 -19.92
C ASN C 357 -26.87 1.90 -20.50
N GLU C 358 -27.11 2.13 -21.78
CA GLU C 358 -26.70 3.37 -22.42
C GLU C 358 -27.34 4.56 -21.70
N PRO C 359 -26.59 5.64 -21.50
CA PRO C 359 -27.12 6.83 -20.82
C PRO C 359 -28.33 7.40 -21.56
N HIS C 360 -28.68 6.78 -22.68
CA HIS C 360 -29.81 7.20 -23.50
C HIS C 360 -31.11 6.85 -22.77
N ARG C 361 -31.27 5.56 -22.47
CA ARG C 361 -32.45 5.07 -21.77
C ARG C 361 -32.46 5.60 -20.33
N ILE C 362 -31.28 5.92 -19.82
CA ILE C 362 -31.17 6.42 -18.46
C ILE C 362 -31.73 7.83 -18.34
N GLN C 363 -31.43 8.70 -19.30
CA GLN C 363 -31.94 10.06 -19.24
C GLN C 363 -33.45 10.09 -19.51
N GLN C 364 -33.93 9.13 -20.30
CA GLN C 364 -35.35 9.03 -20.60
C GLN C 364 -36.06 8.78 -19.27
N ILE C 365 -35.64 7.70 -18.60
CA ILE C 365 -36.20 7.33 -17.30
C ILE C 365 -35.97 8.46 -16.31
N LEU C 366 -34.83 9.13 -16.43
CA LEU C 366 -34.49 10.26 -15.54
C LEU C 366 -35.44 11.42 -15.73
N ASN C 367 -35.84 11.66 -16.98
CA ASN C 367 -36.75 12.75 -17.31
C ASN C 367 -38.20 12.40 -16.98
N TYR C 368 -38.64 11.24 -17.44
CA TYR C 368 -39.99 10.74 -17.21
C TYR C 368 -40.38 11.03 -15.76
N ILE C 369 -39.44 10.76 -14.84
CA ILE C 369 -39.65 10.97 -13.42
C ILE C 369 -39.58 12.46 -13.01
N LYS C 370 -38.59 13.18 -13.51
CA LYS C 370 -38.46 14.60 -13.19
C LYS C 370 -39.83 15.24 -13.41
N GLY C 371 -40.50 14.81 -14.48
CA GLY C 371 -41.81 15.34 -14.80
C GLY C 371 -42.84 14.82 -13.82
N ASN C 372 -42.86 13.51 -13.63
CA ASN C 372 -43.79 12.88 -12.70
C ASN C 372 -43.75 13.61 -11.36
N LEU C 373 -42.59 14.11 -10.98
CA LEU C 373 -42.42 14.81 -9.72
C LEU C 373 -43.00 16.22 -9.74
N LYS C 374 -43.35 16.71 -10.92
CA LYS C 374 -43.93 18.03 -11.03
C LYS C 374 -45.36 17.95 -10.52
N HIS C 375 -46.01 16.84 -10.80
CA HIS C 375 -47.38 16.60 -10.36
C HIS C 375 -47.51 16.52 -8.84
N VAL C 376 -46.39 16.39 -8.14
CA VAL C 376 -46.43 16.31 -6.68
C VAL C 376 -46.61 17.71 -6.13
N VAL C 377 -47.77 17.93 -5.49
CA VAL C 377 -48.13 19.22 -4.92
C VAL C 377 -47.54 19.42 -3.53
ZN ZN D . 5.94 -18.84 -18.02
K K E . 1.49 -3.36 -5.94
K K F . 2.86 -12.42 -17.58
O1 TSN G . 3.69 -28.48 -23.36
O2 TSN G . 6.25 -29.36 -23.10
O3 TSN G . 12.64 -27.17 -21.13
N1 TSN G . 4.61 -27.97 -22.41
N2 TSN G . 15.19 -22.76 -17.00
C1 TSN G . 13.13 -25.91 -19.16
C2 TSN G . 14.08 -25.03 -19.86
C3 TSN G . 14.76 -24.01 -19.15
C4 TSN G . 14.51 -23.80 -17.72
C5 TSN G . 13.55 -24.67 -17.04
C6 TSN G . 12.88 -25.70 -17.74
C7 TSN G . 12.41 -27.01 -19.92
C8 TSN G . 11.40 -27.93 -19.22
C9 TSN G . 10.26 -28.32 -20.17
C10 TSN G . 9.01 -27.78 -20.17
C11 TSN G . 8.08 -28.31 -21.18
C12 TSN G . 6.78 -27.89 -21.33
C13 TSN G . 5.88 -28.46 -22.33
C14 TSN G . 12.09 -29.22 -18.74
C15 TSN G . 8.59 -26.67 -19.19
C17 TSN G . 16.18 -21.87 -17.66
C16 TSN G . 14.96 -22.55 -15.55
O1 TSN H . 7.48 -18.67 -16.47
O2 TSN H . 6.79 -20.84 -17.88
O3 TSN H . 4.39 -28.08 -18.70
N1 TSN H . 7.00 -19.87 -15.89
N2 TSN H . 9.29 -31.71 -16.22
C1 TSN H . 6.02 -28.97 -17.21
C2 TSN H . 6.50 -29.95 -18.18
C3 TSN H . 7.55 -30.84 -17.87
C4 TSN H . 8.19 -30.80 -16.55
C5 TSN H . 7.70 -29.83 -15.58
C6 TSN H . 6.65 -28.94 -15.89
C7 TSN H . 4.90 -28.02 -17.58
C8 TSN H . 4.36 -26.95 -16.59
C9 TSN H . 4.93 -25.56 -16.96
C10 TSN H . 5.28 -24.56 -16.09
C11 TSN H . 5.81 -23.30 -16.71
C12 TSN H . 6.17 -22.17 -16.01
C13 TSN H . 6.68 -20.93 -16.66
C14 TSN H . 2.83 -26.88 -16.64
C15 TSN H . 5.13 -24.70 -14.58
C17 TSN H . 9.81 -32.70 -17.20
C16 TSN H . 9.95 -31.67 -14.89
ZN ZN I . 24.44 8.84 7.88
K K J . 12.77 25.24 5.59
K K K . 24.35 15.83 6.41
O1 TSN L . 22.23 8.80 8.77
O2 TSN L . 23.70 6.74 7.77
O3 TSN L . 25.00 0.32 3.95
N1 TSN L . 21.67 7.70 8.03
N2 TSN L . 22.53 -4.54 7.58
C1 TSN L . 23.49 -1.00 5.20
C2 TSN L . 24.50 -2.02 5.48
C3 TSN L . 24.20 -3.16 6.24
C4 TSN L . 22.85 -3.37 6.78
C5 TSN L . 21.83 -2.34 6.50
C6 TSN L . 22.14 -1.20 5.73
C7 TSN L . 23.85 0.22 4.37
C8 TSN L . 22.81 1.31 4.06
C9 TSN L . 23.06 2.56 4.94
C10 TSN L . 22.12 3.44 5.41
C11 TSN L . 22.64 4.58 6.23
C12 TSN L . 21.87 5.60 6.77
C13 TSN L . 22.48 6.71 7.55
C14 TSN L . 22.90 1.72 2.59
C15 TSN L . 20.63 3.29 5.08
C17 TSN L . 23.56 -5.57 7.88
C16 TSN L . 21.16 -4.76 8.14
O1 TSN M . 30.35 -1.37 4.33
O2 TSN M . 29.37 -2.29 6.71
O3 TSN M . 25.96 -0.70 12.78
N1 TSN M . 29.26 -0.78 5.04
N2 TSN M . 21.17 2.69 15.84
C1 TSN M . 23.92 0.46 13.26
C2 TSN M . 24.31 0.79 14.64
C3 TSN M . 23.43 1.51 15.49
C4 TSN M . 22.11 1.96 15.01
C5 TSN M . 21.73 1.63 13.62
C6 TSN M . 22.60 0.91 12.78
C7 TSN M . 24.86 -0.33 12.34
C8 TSN M . 24.45 -0.68 10.87
C9 TSN M . 25.63 -1.11 9.97
C10 TSN M . 26.00 -0.50 8.81
C11 TSN M . 27.16 -1.11 8.10
C12 TSN M . 27.66 -0.64 6.89
C13 TSN M . 28.82 -1.29 6.22
C14 TSN M . 23.42 -1.84 10.83
C15 TSN M . 25.26 0.71 8.24
C17 TSN M . 21.51 3.04 17.24
C16 TSN M . 19.84 3.12 15.34
ZN ZN N . -33.59 -8.22 -2.95
K K O . -47.48 6.40 -2.23
K K P . -35.12 -1.56 -4.58
O1 TSN Q . -35.46 -8.63 -1.36
O2 TSN Q . -34.01 -10.45 -2.73
O3 TSN Q . -33.21 -17.02 -6.81
N1 TSN Q . -36.00 -9.80 -1.93
N2 TSN Q . -33.64 -21.72 -2.22
C1 TSN Q . -34.02 -18.34 -5.01
C2 TSN Q . -32.88 -19.26 -5.07
C3 TSN Q . -32.75 -20.35 -4.17
C4 TSN Q . -33.77 -20.61 -3.15
C5 TSN Q . -34.92 -19.69 -3.10
C6 TSN Q . -35.05 -18.60 -4.00
C7 TSN Q . -34.12 -17.18 -5.98
C8 TSN Q . -35.30 -16.18 -5.95
C9 TSN Q . -34.90 -14.88 -5.23
C10 TSN Q . -35.74 -14.05 -4.53
C11 TSN Q . -35.14 -12.83 -3.92
C12 TSN Q . -35.84 -11.89 -3.21
C13 TSN Q . -35.22 -10.68 -2.62
C14 TSN Q . -35.76 -15.83 -7.39
C15 TSN Q . -37.24 -14.35 -4.39
C17 TSN Q . -32.49 -22.65 -2.27
C16 TSN Q . -34.68 -21.98 -1.18
O1 TSN R . -28.67 -17.21 -7.76
O2 TSN R . -28.39 -18.46 -5.36
O3 TSN R . -29.16 -17.23 1.52
N1 TSN R . -29.43 -16.91 -6.60
N2 TSN R . -32.98 -14.00 5.76
C1 TSN R . -31.06 -16.39 2.65
C2 TSN R . -30.25 -15.60 3.60
C3 TSN R . -30.86 -14.82 4.60
C4 TSN R . -32.32 -14.79 4.73
C5 TSN R . -33.12 -15.56 3.78
C6 TSN R . -32.51 -16.34 2.77
C7 TSN R . -30.39 -17.23 1.59
C8 TSN R . -31.22 -18.08 0.59
C9 TSN R . -30.50 -18.22 -0.75
C10 TSN R . -30.78 -17.50 -1.87
C11 TSN R . -29.94 -17.82 -3.06
C12 TSN R . -30.08 -17.21 -4.27
C13 TSN R . -29.25 -17.57 -5.44
C14 TSN R . -31.47 -19.48 1.17
C15 TSN R . -31.88 -16.43 -1.91
C17 TSN R . -32.19 -13.20 6.73
C16 TSN R . -34.46 -13.97 5.89
#